data_2J5Z
#
_entry.id   2J5Z
#
_cell.length_a   62.200
_cell.length_b   62.200
_cell.length_c   345.490
_cell.angle_alpha   90.00
_cell.angle_beta   90.00
_cell.angle_gamma   90.00
#
_symmetry.space_group_name_H-M   'P 41 21 2'
#
loop_
_entity.id
_entity.type
_entity.pdbx_description
1 polymer FICOLIN-3
2 non-polymer 'CALCIUM ION'
3 non-polymer beta-D-galactopyranose
4 non-polymer 'ACETATE ION'
5 water water
#
_entity_poly.entity_id   1
_entity_poly.type   'polypeptide(L)'
_entity_poly.pdbx_seq_one_letter_code
;DLVNLLRCQEGPRNCRELLSQGATLSGWYHLCLPEGRALPVFCDMDTEGGGWLVFQRRQDGSVDFFRSWSSYRAGFGNQE
SEFWLGNENLHQLTLQGNWELRVELEDFNGNRTFAHYATFRLLGEVDHYQLALGKFSEGTAGDSLSLHSGRPFTTYDADH
DSSNSNCAVIVHGAWWYASCYRSNLNGRYAVSEAAAHKYGIDWASGRGVGHPYRRVRMMLR
;
_entity_poly.pdbx_strand_id   A,B,C
#
# COMPACT_ATOMS: atom_id res chain seq x y z
N CYS A 8 -9.48 -20.27 -10.57
CA CYS A 8 -10.20 -18.97 -10.76
C CYS A 8 -11.69 -19.18 -10.82
N GLN A 9 -12.13 -19.09 -9.43
CA GLN A 9 -13.48 -19.51 -9.04
C GLN A 9 -14.50 -18.42 -9.31
N GLU A 10 -14.58 -17.98 -10.57
CA GLU A 10 -15.58 -17.00 -10.97
C GLU A 10 -14.96 -15.62 -11.19
N GLY A 11 -14.90 -14.83 -10.12
CA GLY A 11 -14.46 -13.44 -10.18
C GLY A 11 -15.06 -12.51 -11.21
N PRO A 12 -14.78 -11.21 -11.05
CA PRO A 12 -15.20 -10.11 -11.93
C PRO A 12 -14.30 -10.01 -13.16
N ARG A 13 -14.85 -9.48 -14.25
N ARG A 13 -14.86 -9.52 -14.25
CA ARG A 13 -14.13 -9.42 -15.52
CA ARG A 13 -14.13 -9.41 -15.51
C ARG A 13 -13.41 -8.09 -15.77
C ARG A 13 -13.23 -8.17 -15.54
N ASN A 14 -13.72 -7.08 -14.96
CA ASN A 14 -13.04 -5.79 -15.06
C ASN A 14 -13.32 -4.92 -13.83
N CYS A 15 -12.75 -3.73 -13.80
CA CYS A 15 -12.93 -2.85 -12.64
C CYS A 15 -14.32 -2.23 -12.61
N ARG A 16 -14.96 -2.08 -13.77
CA ARG A 16 -16.32 -1.53 -13.79
C ARG A 16 -17.28 -2.45 -13.06
N GLU A 17 -17.10 -3.76 -13.25
N GLU A 17 -17.12 -3.76 -13.27
CA GLU A 17 -17.97 -4.75 -12.61
CA GLU A 17 -17.98 -4.71 -12.60
C GLU A 17 -17.78 -4.78 -11.10
C GLU A 17 -17.81 -4.63 -11.09
N LEU A 18 -16.54 -4.60 -10.65
CA LEU A 18 -16.25 -4.53 -9.23
C LEU A 18 -16.95 -3.31 -8.64
N LEU A 19 -16.85 -2.18 -9.33
CA LEU A 19 -17.46 -0.93 -8.86
C LEU A 19 -18.96 -1.09 -8.77
N SER A 20 -19.56 -1.62 -9.84
N SER A 20 -19.56 -1.65 -9.82
CA SER A 20 -21.01 -1.83 -9.88
CA SER A 20 -21.02 -1.82 -9.88
C SER A 20 -21.45 -2.67 -8.68
C SER A 20 -21.53 -2.86 -8.86
N GLN A 21 -20.62 -3.64 -8.31
CA GLN A 21 -20.93 -4.55 -7.21
C GLN A 21 -20.75 -3.91 -5.83
N GLY A 22 -20.18 -2.70 -5.78
CA GLY A 22 -20.04 -1.96 -4.53
C GLY A 22 -18.61 -1.73 -4.04
N ALA A 23 -17.62 -2.09 -4.86
CA ALA A 23 -16.22 -1.86 -4.49
C ALA A 23 -15.82 -0.45 -4.88
N THR A 24 -15.97 0.47 -3.93
CA THR A 24 -15.84 1.89 -4.24
C THR A 24 -14.50 2.55 -3.89
N LEU A 25 -13.59 1.81 -3.26
CA LEU A 25 -12.27 2.36 -2.94
C LEU A 25 -11.22 1.90 -3.95
N SER A 26 -10.49 2.85 -4.54
CA SER A 26 -9.40 2.46 -5.45
C SER A 26 -8.37 1.58 -4.76
N GLY A 27 -7.81 0.60 -5.47
CA GLY A 27 -6.79 -0.22 -4.86
C GLY A 27 -6.63 -1.52 -5.61
N TRP A 28 -5.97 -2.49 -4.99
CA TRP A 28 -5.67 -3.77 -5.66
C TRP A 28 -6.80 -4.78 -5.49
N TYR A 29 -7.25 -5.33 -6.61
CA TYR A 29 -8.34 -6.29 -6.63
C TYR A 29 -7.96 -7.43 -7.55
N HIS A 30 -8.57 -8.59 -7.36
CA HIS A 30 -8.35 -9.69 -8.31
C HIS A 30 -9.42 -9.75 -9.38
N LEU A 31 -9.00 -9.87 -10.65
CA LEU A 31 -9.92 -10.12 -11.75
C LEU A 31 -9.78 -11.58 -12.10
N CYS A 32 -10.83 -12.17 -12.65
CA CYS A 32 -10.74 -13.52 -13.18
C CYS A 32 -10.67 -13.38 -14.69
N LEU A 33 -9.50 -13.69 -15.25
CA LEU A 33 -9.27 -13.60 -16.69
C LEU A 33 -10.07 -14.66 -17.45
N PRO A 34 -10.35 -14.39 -18.73
CA PRO A 34 -11.13 -15.31 -19.56
C PRO A 34 -10.62 -16.75 -19.49
N GLU A 35 -9.31 -16.92 -19.37
CA GLU A 35 -8.73 -18.27 -19.33
C GLU A 35 -8.84 -18.94 -17.95
N GLY A 36 -9.42 -18.22 -16.98
CA GLY A 36 -9.64 -18.79 -15.65
C GLY A 36 -8.46 -18.63 -14.71
N ARG A 37 -7.69 -17.56 -14.90
CA ARG A 37 -6.54 -17.27 -14.06
C ARG A 37 -6.80 -15.96 -13.33
N ALA A 38 -6.50 -15.93 -12.03
CA ALA A 38 -6.71 -14.72 -11.24
C ALA A 38 -5.54 -13.77 -11.43
N LEU A 39 -5.85 -12.49 -11.55
CA LEU A 39 -4.82 -11.49 -11.78
C LEU A 39 -5.05 -10.31 -10.86
N PRO A 40 -4.06 -9.95 -10.02
CA PRO A 40 -4.20 -8.70 -9.24
C PRO A 40 -4.04 -7.50 -10.16
N VAL A 41 -4.92 -6.51 -10.00
CA VAL A 41 -4.86 -5.30 -10.81
C VAL A 41 -5.25 -4.13 -9.92
N PHE A 42 -4.78 -2.94 -10.28
CA PHE A 42 -5.18 -1.72 -9.57
C PHE A 42 -6.38 -1.10 -10.24
N CYS A 43 -7.47 -0.99 -9.50
CA CYS A 43 -8.69 -0.35 -10.00
C CYS A 43 -8.78 1.06 -9.45
N ASP A 44 -8.93 2.03 -10.33
CA ASP A 44 -9.19 3.41 -9.89
C ASP A 44 -10.71 3.56 -9.89
N MET A 45 -11.29 3.68 -8.70
CA MET A 45 -12.73 3.69 -8.57
C MET A 45 -13.28 5.11 -8.43
N ASP A 46 -12.44 6.11 -8.64
N ASP A 46 -12.42 6.10 -8.61
CA ASP A 46 -12.83 7.50 -8.34
CA ASP A 46 -12.79 7.48 -8.38
C ASP A 46 -12.69 8.49 -9.50
C ASP A 46 -12.78 8.26 -9.69
N THR A 47 -11.59 8.42 -10.25
CA THR A 47 -11.38 9.35 -11.34
C THR A 47 -12.35 9.13 -12.51
N GLU A 48 -13.02 10.20 -12.91
CA GLU A 48 -13.85 10.20 -14.11
C GLU A 48 -14.98 9.17 -14.01
N GLY A 49 -15.52 8.99 -12.82
CA GLY A 49 -16.64 8.08 -12.65
C GLY A 49 -16.23 6.70 -12.15
N GLY A 50 -14.94 6.41 -12.21
CA GLY A 50 -14.41 5.16 -11.66
C GLY A 50 -14.54 3.97 -12.60
N GLY A 51 -13.89 2.86 -12.23
CA GLY A 51 -13.92 1.63 -13.01
C GLY A 51 -12.75 1.46 -13.95
N TRP A 52 -11.66 2.18 -13.68
CA TRP A 52 -10.47 2.14 -14.54
C TRP A 52 -9.44 1.12 -14.09
N LEU A 53 -8.97 0.29 -15.00
CA LEU A 53 -7.90 -0.66 -14.72
C LEU A 53 -6.58 0.03 -15.06
N VAL A 54 -5.78 0.31 -14.04
CA VAL A 54 -4.51 1.00 -14.23
C VAL A 54 -3.43 -0.03 -14.52
N PHE A 55 -2.85 0.04 -15.70
CA PHE A 55 -1.89 -1.00 -16.09
C PHE A 55 -0.44 -0.52 -16.12
N GLN A 56 -0.22 0.79 -16.01
CA GLN A 56 1.13 1.35 -15.95
C GLN A 56 1.13 2.56 -15.03
N ARG A 57 2.19 2.74 -14.24
CA ARG A 57 2.23 3.87 -13.35
C ARG A 57 3.71 4.23 -13.13
N ARG A 58 4.01 5.52 -13.29
CA ARG A 58 5.34 6.09 -12.96
C ARG A 58 5.14 7.16 -11.90
N GLN A 59 6.04 7.24 -10.92
CA GLN A 59 5.81 8.08 -9.74
C GLN A 59 7.08 8.64 -9.09
N ASP A 60 8.16 7.85 -9.07
CA ASP A 60 9.31 8.20 -8.24
C ASP A 60 10.66 7.66 -8.73
N GLY A 61 10.63 6.86 -9.80
CA GLY A 61 11.85 6.30 -10.35
C GLY A 61 12.44 5.17 -9.53
N SER A 62 11.62 4.59 -8.65
CA SER A 62 12.06 3.49 -7.80
C SER A 62 12.23 2.18 -8.57
N VAL A 63 11.51 2.04 -9.68
CA VAL A 63 11.55 0.79 -10.45
C VAL A 63 12.24 0.98 -11.80
N ASP A 64 13.09 0.02 -12.18
CA ASP A 64 13.81 0.09 -13.46
C ASP A 64 12.89 -0.36 -14.59
N PHE A 65 12.68 0.51 -15.57
CA PHE A 65 11.79 0.17 -16.68
C PHE A 65 12.59 -0.26 -17.92
N PHE A 66 13.91 -0.23 -17.85
CA PHE A 66 14.71 -0.69 -18.99
C PHE A 66 14.83 -2.21 -18.93
N ARG A 67 13.75 -2.90 -19.30
CA ARG A 67 13.67 -4.34 -19.12
C ARG A 67 13.43 -5.09 -20.42
N SER A 68 13.58 -6.41 -20.34
CA SER A 68 13.62 -7.28 -21.48
C SER A 68 12.24 -7.67 -21.94
N TRP A 69 12.19 -8.33 -23.09
CA TRP A 69 10.95 -8.83 -23.67
C TRP A 69 10.16 -9.64 -22.67
N SER A 70 10.84 -10.55 -21.97
CA SER A 70 10.17 -11.49 -21.06
C SER A 70 9.58 -10.76 -19.87
N SER A 71 10.31 -9.75 -19.38
CA SER A 71 9.85 -8.90 -18.30
C SER A 71 8.61 -8.09 -18.72
N TYR A 72 8.66 -7.49 -19.89
CA TYR A 72 7.49 -6.77 -20.38
C TYR A 72 6.33 -7.71 -20.64
N ARG A 73 6.63 -8.94 -21.04
CA ARG A 73 5.57 -9.90 -21.34
C ARG A 73 4.79 -10.29 -20.09
N ALA A 74 5.53 -10.56 -19.01
CA ALA A 74 4.97 -11.10 -17.78
C ALA A 74 4.51 -10.01 -16.82
N GLY A 75 5.05 -8.81 -16.99
CA GLY A 75 4.80 -7.71 -16.05
C GLY A 75 5.89 -7.62 -14.99
N PHE A 76 6.04 -6.43 -14.38
CA PHE A 76 7.05 -6.22 -13.36
C PHE A 76 6.78 -4.95 -12.53
N GLY A 77 7.46 -4.83 -11.38
CA GLY A 77 7.31 -3.63 -10.57
C GLY A 77 6.77 -3.90 -9.18
N ASN A 78 6.27 -2.86 -8.52
N ASN A 78 6.27 -2.85 -8.53
CA ASN A 78 5.80 -2.97 -7.14
CA ASN A 78 5.78 -2.94 -7.17
C ASN A 78 4.40 -2.39 -6.98
C ASN A 78 4.35 -2.42 -7.07
N GLN A 79 3.49 -3.18 -6.40
CA GLN A 79 2.09 -2.76 -6.19
C GLN A 79 1.95 -1.37 -5.55
N GLU A 80 2.86 -1.07 -4.63
CA GLU A 80 2.83 0.17 -3.84
C GLU A 80 3.26 1.39 -4.66
N SER A 81 3.95 1.14 -5.77
CA SER A 81 4.51 2.25 -6.53
C SER A 81 4.38 2.02 -8.04
N GLU A 82 5.51 1.80 -8.69
CA GLU A 82 5.55 1.78 -10.15
C GLU A 82 5.47 0.37 -10.70
N PHE A 83 4.76 0.20 -11.82
CA PHE A 83 4.64 -1.12 -12.43
C PHE A 83 4.22 -1.09 -13.90
N TRP A 84 4.43 -2.22 -14.56
CA TRP A 84 3.84 -2.52 -15.87
C TRP A 84 3.10 -3.84 -15.70
N LEU A 85 1.80 -3.87 -16.01
CA LEU A 85 0.99 -5.05 -15.68
C LEU A 85 1.42 -6.30 -16.46
N GLY A 86 1.93 -6.09 -17.67
CA GLY A 86 2.41 -7.18 -18.53
C GLY A 86 1.65 -7.30 -19.84
N ASN A 87 2.39 -7.47 -20.93
CA ASN A 87 1.78 -7.51 -22.25
C ASN A 87 0.86 -8.69 -22.45
N GLU A 88 1.23 -9.86 -21.92
CA GLU A 88 0.35 -11.02 -22.05
C GLU A 88 -0.98 -10.83 -21.32
N ASN A 89 -0.93 -10.25 -20.11
CA ASN A 89 -2.14 -9.87 -19.37
C ASN A 89 -2.99 -8.90 -20.20
N LEU A 90 -2.35 -7.88 -20.75
CA LEU A 90 -3.06 -6.88 -21.56
C LEU A 90 -3.68 -7.49 -22.82
N HIS A 91 -2.94 -8.37 -23.50
CA HIS A 91 -3.54 -9.08 -24.61
C HIS A 91 -4.77 -9.90 -24.18
N GLN A 92 -4.66 -10.64 -23.09
CA GLN A 92 -5.77 -11.47 -22.63
C GLN A 92 -6.98 -10.63 -22.21
N LEU A 93 -6.73 -9.52 -21.53
CA LEU A 93 -7.81 -8.64 -21.08
C LEU A 93 -8.52 -8.01 -22.27
N THR A 94 -7.76 -7.58 -23.27
CA THR A 94 -8.30 -6.74 -24.33
C THR A 94 -8.77 -7.50 -25.57
N LEU A 95 -8.70 -8.84 -25.51
CA LEU A 95 -9.21 -9.72 -26.57
C LEU A 95 -10.68 -9.41 -26.84
N GLN A 96 -11.46 -9.38 -25.77
CA GLN A 96 -12.90 -9.13 -25.85
C GLN A 96 -13.26 -7.83 -25.14
N GLY A 97 -14.38 -7.23 -25.57
CA GLY A 97 -14.87 -5.99 -24.96
C GLY A 97 -14.21 -4.75 -25.54
N ASN A 98 -14.85 -3.61 -25.38
N ASN A 98 -14.80 -3.59 -25.28
CA ASN A 98 -14.20 -2.38 -25.77
CA ASN A 98 -14.30 -2.31 -25.76
C ASN A 98 -13.62 -1.72 -24.54
C ASN A 98 -13.65 -1.50 -24.62
N TRP A 99 -12.32 -1.49 -24.57
CA TRP A 99 -11.62 -0.80 -23.49
C TRP A 99 -11.08 0.52 -23.98
N GLU A 100 -11.56 1.61 -23.40
CA GLU A 100 -11.06 2.94 -23.74
C GLU A 100 -9.76 3.17 -22.97
N LEU A 101 -8.84 3.90 -23.58
CA LEU A 101 -7.57 4.24 -22.95
C LEU A 101 -7.57 5.68 -22.46
N ARG A 102 -7.25 5.85 -21.18
CA ARG A 102 -6.93 7.17 -20.64
C ARG A 102 -5.47 7.21 -20.19
N VAL A 103 -4.76 8.24 -20.64
CA VAL A 103 -3.38 8.50 -20.22
C VAL A 103 -3.38 9.75 -19.32
N GLU A 104 -2.77 9.65 -18.15
CA GLU A 104 -2.62 10.81 -17.25
C GLU A 104 -1.16 11.20 -17.07
N LEU A 105 -0.89 12.50 -17.13
CA LEU A 105 0.47 13.01 -17.07
C LEU A 105 0.54 14.12 -16.04
N GLU A 106 1.63 14.17 -15.27
CA GLU A 106 1.80 15.27 -14.32
C GLU A 106 3.22 15.79 -14.38
N ASP A 107 3.36 17.09 -14.60
CA ASP A 107 4.68 17.69 -14.66
C ASP A 107 5.17 18.07 -13.26
N PHE A 108 6.35 18.67 -13.20
CA PHE A 108 7.00 18.98 -11.92
C PHE A 108 6.35 20.15 -11.20
N ASN A 109 5.39 20.79 -11.83
CA ASN A 109 4.62 21.85 -11.19
C ASN A 109 3.36 21.29 -10.55
N GLY A 110 3.04 20.04 -10.88
CA GLY A 110 1.80 19.44 -10.41
C GLY A 110 0.63 19.66 -11.36
N ASN A 111 0.92 20.22 -12.53
CA ASN A 111 -0.09 20.42 -13.58
C ASN A 111 -0.44 19.08 -14.20
N ARG A 112 -1.73 18.77 -14.24
N ARG A 112 -1.72 18.77 -14.28
CA ARG A 112 -2.19 17.52 -14.81
CA ARG A 112 -2.17 17.47 -14.80
C ARG A 112 -2.70 17.72 -16.24
C ARG A 112 -2.87 17.55 -16.16
N THR A 113 -2.35 16.80 -17.13
CA THR A 113 -2.92 16.78 -18.48
C THR A 113 -3.32 15.34 -18.85
N PHE A 114 -4.16 15.19 -19.86
CA PHE A 114 -4.65 13.86 -20.23
C PHE A 114 -4.86 13.65 -21.74
N ALA A 115 -5.01 12.38 -22.10
CA ALA A 115 -5.30 11.98 -23.48
C ALA A 115 -6.22 10.77 -23.40
N HIS A 116 -7.23 10.76 -24.25
N HIS A 116 -7.24 10.73 -24.24
CA HIS A 116 -8.18 9.66 -24.26
CA HIS A 116 -8.26 9.67 -24.21
C HIS A 116 -8.25 9.09 -25.67
C HIS A 116 -8.53 9.10 -25.61
N TYR A 117 -8.43 7.77 -25.75
CA TYR A 117 -8.56 7.09 -27.04
C TYR A 117 -9.73 6.12 -26.92
N ALA A 118 -10.51 5.99 -27.99
CA ALA A 118 -11.76 5.24 -27.93
C ALA A 118 -11.59 3.77 -27.55
N THR A 119 -10.54 3.15 -28.09
CA THR A 119 -10.24 1.74 -27.79
C THR A 119 -8.73 1.49 -27.67
N PHE A 120 -8.39 0.39 -27.02
CA PHE A 120 -7.01 -0.05 -26.87
C PHE A 120 -7.03 -1.58 -26.84
N ARG A 121 -6.16 -2.18 -27.64
CA ARG A 121 -6.04 -3.63 -27.67
C ARG A 121 -4.63 -3.99 -28.06
N LEU A 122 -4.08 -5.06 -27.48
CA LEU A 122 -2.80 -5.56 -27.97
C LEU A 122 -3.00 -6.89 -28.67
N LEU A 123 -2.35 -7.07 -29.79
CA LEU A 123 -2.33 -8.37 -30.45
C LEU A 123 -1.51 -9.32 -29.61
N GLY A 124 -1.47 -10.60 -29.99
CA GLY A 124 -0.74 -11.62 -29.22
C GLY A 124 0.77 -11.61 -29.42
N GLU A 125 1.48 -12.52 -28.75
CA GLU A 125 2.94 -12.49 -28.76
C GLU A 125 3.56 -12.78 -30.13
N VAL A 126 2.89 -13.60 -30.93
CA VAL A 126 3.37 -13.87 -32.29
C VAL A 126 3.43 -12.60 -33.12
N ASP A 127 2.50 -11.69 -32.84
CA ASP A 127 2.44 -10.40 -33.52
C ASP A 127 3.17 -9.31 -32.70
N HIS A 128 4.00 -9.75 -31.76
CA HIS A 128 4.85 -8.86 -31.00
C HIS A 128 4.05 -7.83 -30.19
N TYR A 129 2.85 -8.23 -29.75
CA TYR A 129 2.00 -7.37 -28.90
C TYR A 129 1.75 -6.05 -29.58
N GLN A 130 1.54 -6.13 -30.89
CA GLN A 130 1.27 -4.95 -31.71
C GLN A 130 0.11 -4.15 -31.14
N LEU A 131 0.26 -2.82 -31.12
CA LEU A 131 -0.79 -1.95 -30.61
C LEU A 131 -1.90 -1.78 -31.63
N ALA A 132 -3.13 -1.96 -31.18
CA ALA A 132 -4.32 -1.55 -31.95
C ALA A 132 -5.05 -0.43 -31.18
N LEU A 133 -4.85 0.80 -31.61
CA LEU A 133 -5.37 1.96 -30.88
C LEU A 133 -6.53 2.59 -31.64
N GLY A 134 -7.62 2.88 -30.92
CA GLY A 134 -8.76 3.62 -31.45
C GLY A 134 -8.46 5.09 -31.60
N LYS A 135 -9.41 5.83 -32.16
CA LYS A 135 -9.23 7.25 -32.44
C LYS A 135 -9.16 8.11 -31.18
N PHE A 136 -8.42 9.20 -31.28
CA PHE A 136 -8.28 10.20 -30.23
C PHE A 136 -9.61 10.94 -30.04
N SER A 137 -10.10 10.97 -28.80
CA SER A 137 -11.35 11.68 -28.51
C SER A 137 -11.06 13.10 -28.01
N GLU A 138 -10.44 13.22 -26.85
N GLU A 138 -10.48 13.22 -26.82
CA GLU A 138 -10.07 14.51 -26.29
CA GLU A 138 -10.10 14.52 -26.27
C GLU A 138 -8.88 14.35 -25.36
C GLU A 138 -8.85 14.34 -25.41
N GLY A 139 -8.19 15.46 -25.11
CA GLY A 139 -7.03 15.42 -24.23
C GLY A 139 -6.24 16.71 -24.22
N THR A 140 -6.14 17.31 -23.06
CA THR A 140 -5.30 18.51 -22.90
C THR A 140 -3.82 18.23 -23.23
N ALA A 141 -3.41 16.97 -23.14
CA ALA A 141 -2.04 16.61 -23.47
C ALA A 141 -1.82 16.45 -24.97
N GLY A 142 -2.90 16.36 -25.72
CA GLY A 142 -2.80 16.16 -27.17
C GLY A 142 -2.53 14.71 -27.52
N ASP A 143 -2.59 14.39 -28.81
CA ASP A 143 -2.39 13.02 -29.26
C ASP A 143 -0.92 12.73 -29.58
N SER A 144 -0.31 11.84 -28.81
CA SER A 144 1.06 11.39 -29.09
C SER A 144 1.19 9.87 -29.17
N LEU A 145 0.06 9.17 -29.33
CA LEU A 145 0.08 7.73 -29.38
C LEU A 145 -0.42 7.15 -30.72
N SER A 146 -1.10 7.96 -31.53
CA SER A 146 -1.65 7.44 -32.78
C SER A 146 -0.58 6.93 -33.72
N LEU A 147 0.55 7.64 -33.77
CA LEU A 147 1.70 7.22 -34.58
C LEU A 147 2.08 5.77 -34.27
N HIS A 148 1.90 5.39 -33.01
CA HIS A 148 2.36 4.11 -32.54
C HIS A 148 1.37 2.98 -32.80
N SER A 149 0.15 3.34 -33.19
CA SER A 149 -0.84 2.32 -33.50
C SER A 149 -0.40 1.51 -34.71
N GLY A 150 -0.57 0.19 -34.65
CA GLY A 150 -0.17 -0.68 -35.75
C GLY A 150 1.27 -1.18 -35.67
N ARG A 151 1.98 -0.77 -34.63
CA ARG A 151 3.39 -1.10 -34.52
C ARG A 151 3.63 -2.14 -33.44
N PRO A 152 4.62 -3.02 -33.67
CA PRO A 152 4.96 -4.05 -32.69
C PRO A 152 5.66 -3.42 -31.50
N PHE A 153 5.64 -4.11 -30.36
CA PHE A 153 6.40 -3.69 -29.20
C PHE A 153 7.85 -4.08 -29.42
N THR A 154 8.79 -3.22 -29.02
CA THR A 154 10.22 -3.59 -29.00
C THR A 154 10.89 -3.28 -27.66
N THR A 155 11.77 -4.21 -27.29
CA THR A 155 12.60 -4.07 -26.10
C THR A 155 14.06 -4.17 -26.55
N TYR A 156 14.99 -3.99 -25.61
CA TYR A 156 16.39 -3.99 -26.00
C TYR A 156 16.85 -5.33 -26.59
N ASP A 157 16.17 -6.42 -26.23
CA ASP A 157 16.52 -7.74 -26.75
C ASP A 157 15.51 -8.27 -27.75
N ALA A 158 14.66 -7.38 -28.25
CA ALA A 158 13.69 -7.77 -29.27
C ALA A 158 13.35 -6.58 -30.17
N ASP A 159 14.20 -6.37 -31.18
CA ASP A 159 14.07 -5.22 -32.08
C ASP A 159 13.06 -5.48 -33.19
N HIS A 160 11.93 -4.77 -33.14
CA HIS A 160 10.88 -4.95 -34.12
C HIS A 160 10.49 -3.63 -34.77
N ASP A 161 11.26 -2.59 -34.50
CA ASP A 161 10.85 -1.24 -34.89
C ASP A 161 11.16 -0.96 -36.37
N SER A 162 10.98 0.29 -36.79
CA SER A 162 11.15 0.64 -38.20
C SER A 162 12.44 1.43 -38.40
N SER A 163 13.33 1.33 -37.42
CA SER A 163 14.60 2.06 -37.44
C SER A 163 15.75 1.12 -37.81
N ASN A 164 16.80 1.67 -38.42
CA ASN A 164 18.00 0.89 -38.73
C ASN A 164 18.73 0.52 -37.45
N SER A 165 18.32 1.15 -36.36
CA SER A 165 18.84 0.84 -35.03
C SER A 165 17.77 0.18 -34.14
N ASN A 166 18.16 -0.06 -32.89
CA ASN A 166 17.25 -0.54 -31.85
C ASN A 166 16.80 0.63 -30.98
N CYS A 167 15.59 1.12 -31.24
CA CYS A 167 15.06 2.27 -30.52
C CYS A 167 15.04 2.09 -29.01
N ALA A 168 14.73 0.88 -28.55
CA ALA A 168 14.70 0.60 -27.12
C ALA A 168 16.08 0.86 -26.52
N VAL A 169 17.12 0.36 -27.18
CA VAL A 169 18.48 0.63 -26.75
C VAL A 169 18.74 2.13 -26.89
N ILE A 170 18.51 2.65 -28.10
CA ILE A 170 18.79 4.05 -28.38
C ILE A 170 18.18 5.00 -27.37
N VAL A 171 16.89 4.82 -27.04
CA VAL A 171 16.19 5.78 -26.19
C VAL A 171 15.93 5.28 -24.74
N HIS A 172 16.49 4.12 -24.41
CA HIS A 172 16.41 3.56 -23.04
C HIS A 172 14.97 3.35 -22.56
N GLY A 173 14.21 2.54 -23.29
CA GLY A 173 12.84 2.24 -22.92
C GLY A 173 12.31 0.98 -23.57
N ALA A 174 10.98 0.85 -23.56
CA ALA A 174 10.29 -0.22 -24.27
C ALA A 174 8.96 0.37 -24.71
N TRP A 175 8.56 0.13 -25.96
CA TRP A 175 7.35 0.77 -26.47
C TRP A 175 7.11 0.25 -27.86
N TRP A 176 6.01 0.69 -28.46
CA TRP A 176 5.70 0.32 -29.82
C TRP A 176 6.43 1.31 -30.73
N TYR A 177 7.77 1.25 -30.70
CA TYR A 177 8.60 2.25 -31.38
C TYR A 177 8.46 2.24 -32.90
N ALA A 178 8.57 3.43 -33.48
CA ALA A 178 8.71 3.61 -34.91
C ALA A 178 10.19 3.94 -35.15
N SER A 179 10.52 5.22 -35.31
CA SER A 179 11.92 5.64 -35.40
C SER A 179 12.18 7.07 -34.91
N CYS A 180 11.98 7.31 -33.61
CA CYS A 180 11.55 6.27 -32.67
C CYS A 180 10.18 6.50 -32.04
N TYR A 181 9.88 7.73 -31.62
CA TYR A 181 8.65 7.97 -30.85
C TYR A 181 8.03 9.37 -30.81
N ARG A 182 6.73 9.41 -30.55
CA ARG A 182 6.05 10.63 -30.10
C ARG A 182 5.73 10.49 -28.61
N SER A 183 5.70 9.25 -28.11
CA SER A 183 5.53 9.01 -26.66
C SER A 183 6.48 7.91 -26.18
N ASN A 184 6.86 7.97 -24.92
CA ASN A 184 7.90 7.09 -24.39
C ASN A 184 7.72 6.95 -22.88
N LEU A 185 6.53 6.54 -22.47
CA LEU A 185 6.14 6.60 -21.06
C LEU A 185 6.80 5.54 -20.18
N ASN A 186 7.46 4.57 -20.80
CA ASN A 186 8.23 3.55 -20.08
C ASN A 186 9.71 3.92 -20.15
N GLY A 187 9.96 5.20 -20.41
CA GLY A 187 11.34 5.66 -20.58
C GLY A 187 12.03 5.88 -19.24
N ARG A 188 13.24 6.39 -19.28
CA ARG A 188 14.05 6.58 -18.08
C ARG A 188 13.54 7.68 -17.16
N TYR A 189 13.43 7.37 -15.87
CA TYR A 189 12.89 8.35 -14.94
C TYR A 189 13.87 9.48 -14.65
N ALA A 190 13.32 10.67 -14.43
CA ALA A 190 14.07 11.85 -14.01
C ALA A 190 13.30 12.62 -12.94
N VAL A 191 13.99 12.99 -11.85
CA VAL A 191 13.32 13.70 -10.75
C VAL A 191 13.11 15.19 -11.02
N SER A 192 13.73 15.70 -12.09
CA SER A 192 13.55 17.10 -12.51
C SER A 192 14.09 17.32 -13.94
N GLU A 193 13.89 18.52 -14.47
CA GLU A 193 14.43 18.92 -15.78
C GLU A 193 15.96 18.87 -15.83
N ALA A 194 16.60 19.34 -14.77
CA ALA A 194 18.05 19.33 -14.70
C ALA A 194 18.61 17.94 -14.95
N ALA A 195 18.00 16.94 -14.30
CA ALA A 195 18.48 15.56 -14.36
C ALA A 195 17.95 14.80 -15.59
N ALA A 196 17.11 15.47 -16.36
CA ALA A 196 16.47 14.86 -17.53
C ALA A 196 17.44 14.31 -18.57
N HIS A 197 17.03 13.20 -19.19
CA HIS A 197 17.84 12.54 -20.18
C HIS A 197 17.44 13.11 -21.54
N LYS A 198 18.22 12.81 -22.57
CA LYS A 198 17.90 13.20 -23.93
C LYS A 198 16.51 12.67 -24.26
N TYR A 199 16.32 11.38 -23.97
CA TYR A 199 15.03 10.72 -24.14
C TYR A 199 14.54 10.26 -22.78
N GLY A 200 13.38 10.74 -22.36
CA GLY A 200 12.80 10.36 -21.07
C GLY A 200 11.32 10.02 -21.16
N ILE A 201 10.60 10.24 -20.06
CA ILE A 201 9.16 9.95 -19.99
C ILE A 201 8.45 11.11 -20.68
N ASP A 202 8.35 11.01 -22.00
CA ASP A 202 8.02 12.13 -22.88
C ASP A 202 6.68 11.93 -23.61
N TRP A 203 5.99 13.05 -23.86
CA TRP A 203 4.75 13.07 -24.65
C TRP A 203 4.87 14.27 -25.61
N ALA A 204 5.23 13.99 -26.86
CA ALA A 204 5.63 15.06 -27.80
C ALA A 204 4.66 16.23 -27.87
N SER A 205 3.37 15.93 -27.86
CA SER A 205 2.35 16.94 -28.07
C SER A 205 2.02 17.72 -26.80
N GLY A 206 2.58 17.28 -25.68
CA GLY A 206 2.45 17.98 -24.41
C GLY A 206 3.64 18.88 -24.20
N ARG A 207 4.67 18.35 -23.53
CA ARG A 207 5.88 19.12 -23.22
C ARG A 207 7.01 18.87 -24.22
N GLY A 208 6.86 17.84 -25.04
CA GLY A 208 7.84 17.56 -26.08
C GLY A 208 8.93 16.60 -25.66
N VAL A 209 9.66 16.10 -26.65
CA VAL A 209 10.79 15.20 -26.41
C VAL A 209 11.82 15.91 -25.53
N GLY A 210 12.46 15.15 -24.64
CA GLY A 210 13.52 15.70 -23.80
C GLY A 210 13.02 16.52 -22.63
N HIS A 211 11.70 16.61 -22.49
CA HIS A 211 11.10 17.37 -21.40
C HIS A 211 10.00 16.55 -20.67
N PRO A 212 10.42 15.77 -19.66
CA PRO A 212 9.65 14.67 -19.08
C PRO A 212 8.63 15.03 -18.00
N TYR A 213 7.89 14.01 -17.58
CA TYR A 213 6.85 14.15 -16.57
C TYR A 213 7.27 13.47 -15.27
N ARG A 214 6.70 13.96 -14.17
N ARG A 214 6.72 13.95 -14.15
CA ARG A 214 6.97 13.47 -12.82
CA ARG A 214 7.02 13.38 -12.85
C ARG A 214 6.15 12.21 -12.50
C ARG A 214 6.15 12.16 -12.51
N ARG A 215 4.90 12.20 -12.97
CA ARG A 215 3.98 11.09 -12.71
C ARG A 215 3.18 10.77 -13.98
N VAL A 216 3.03 9.48 -14.28
CA VAL A 216 2.24 9.07 -15.43
C VAL A 216 1.37 7.89 -15.02
N ARG A 217 0.16 7.78 -15.58
CA ARG A 217 -0.60 6.53 -15.45
C ARG A 217 -1.22 6.21 -16.79
N MET A 218 -1.35 4.92 -17.11
CA MET A 218 -2.14 4.49 -18.28
C MET A 218 -3.23 3.55 -17.80
N MET A 219 -4.46 3.76 -18.26
CA MET A 219 -5.57 3.05 -17.67
C MET A 219 -6.67 2.74 -18.68
N LEU A 220 -7.40 1.66 -18.43
CA LEU A 220 -8.45 1.17 -19.33
C LEU A 220 -9.81 1.05 -18.66
N ARG A 221 -10.86 1.33 -19.43
CA ARG A 221 -12.20 1.11 -18.92
C ARG A 221 -13.16 0.68 -20.03
N GLY B 11 -16.52 -15.66 5.87
CA GLY B 11 -15.43 -14.65 6.03
C GLY B 11 -15.45 -13.96 7.38
N PRO B 12 -14.40 -13.19 7.68
CA PRO B 12 -14.30 -12.47 8.95
C PRO B 12 -15.24 -11.27 8.91
N ARG B 13 -15.80 -10.90 10.06
N ARG B 13 -15.81 -10.90 10.06
CA ARG B 13 -16.80 -9.83 10.10
CA ARG B 13 -16.80 -9.83 10.12
C ARG B 13 -16.23 -8.51 10.61
C ARG B 13 -16.27 -8.53 10.71
N ASN B 14 -15.04 -8.56 11.20
CA ASN B 14 -14.39 -7.36 11.74
C ASN B 14 -12.89 -7.58 11.94
N CYS B 15 -12.19 -6.51 12.33
CA CYS B 15 -10.72 -6.53 12.41
C CYS B 15 -10.19 -7.30 13.63
N ARG B 16 -10.97 -7.31 14.70
CA ARG B 16 -10.57 -8.01 15.93
C ARG B 16 -10.60 -9.53 15.70
N GLU B 17 -11.58 -9.97 14.93
CA GLU B 17 -11.73 -11.36 14.49
C GLU B 17 -10.50 -11.78 13.70
N LEU B 18 -10.05 -10.88 12.84
CA LEU B 18 -8.88 -11.12 12.01
C LEU B 18 -7.61 -11.20 12.85
N LEU B 19 -7.45 -10.28 13.79
CA LEU B 19 -6.29 -10.26 14.70
C LEU B 19 -6.23 -11.54 15.54
N SER B 20 -7.39 -11.98 16.01
CA SER B 20 -7.49 -13.18 16.84
C SER B 20 -7.07 -14.43 16.08
N GLN B 21 -7.27 -14.41 14.77
CA GLN B 21 -6.92 -15.55 13.92
C GLN B 21 -5.46 -15.49 13.47
N GLY B 22 -4.73 -14.45 13.88
CA GLY B 22 -3.30 -14.38 13.61
C GLY B 22 -2.84 -13.29 12.67
N ALA B 23 -3.77 -12.50 12.13
CA ALA B 23 -3.38 -11.40 11.24
C ALA B 23 -2.91 -10.20 12.05
N THR B 24 -1.59 -10.13 12.28
CA THR B 24 -1.02 -9.17 13.21
C THR B 24 -0.45 -7.90 12.58
N LEU B 25 -0.46 -7.80 11.25
CA LEU B 25 0.13 -6.65 10.56
C LEU B 25 -0.95 -5.70 10.05
N SER B 26 -0.78 -4.41 10.32
N SER B 26 -0.79 -4.41 10.34
CA SER B 26 -1.81 -3.44 9.92
CA SER B 26 -1.79 -3.43 9.91
C SER B 26 -1.83 -3.23 8.41
C SER B 26 -1.82 -3.37 8.40
N GLY B 27 -3.03 -3.24 7.83
CA GLY B 27 -3.17 -3.13 6.38
C GLY B 27 -4.58 -3.44 5.90
N TRP B 28 -4.71 -3.66 4.59
CA TRP B 28 -6.03 -3.91 4.02
C TRP B 28 -6.37 -5.39 4.04
N TYR B 29 -7.58 -5.68 4.52
CA TYR B 29 -8.09 -7.04 4.60
C TYR B 29 -9.50 -7.04 4.02
N HIS B 30 -10.06 -8.22 3.76
CA HIS B 30 -11.44 -8.28 3.31
C HIS B 30 -12.36 -8.80 4.42
N LEU B 31 -13.48 -8.11 4.60
CA LEU B 31 -14.51 -8.54 5.51
C LEU B 31 -15.64 -9.16 4.71
N CYS B 32 -16.45 -9.98 5.35
CA CYS B 32 -17.67 -10.49 4.70
C CYS B 32 -18.90 -9.85 5.32
N LEU B 33 -19.60 -9.05 4.52
CA LEU B 33 -20.83 -8.39 4.95
C LEU B 33 -21.98 -9.39 5.01
N PRO B 34 -23.04 -9.05 5.76
CA PRO B 34 -24.25 -9.88 5.85
C PRO B 34 -24.76 -10.31 4.47
N GLU B 35 -24.83 -9.38 3.52
CA GLU B 35 -25.36 -9.69 2.19
C GLU B 35 -24.46 -10.62 1.39
N GLY B 36 -23.42 -11.16 2.01
CA GLY B 36 -22.48 -12.04 1.33
C GLY B 36 -21.56 -11.27 0.42
N ARG B 37 -21.25 -10.04 0.82
CA ARG B 37 -20.44 -9.12 0.03
C ARG B 37 -19.06 -8.99 0.67
N ALA B 38 -18.01 -9.08 -0.15
CA ALA B 38 -16.65 -8.86 0.32
C ALA B 38 -16.37 -7.36 0.41
N LEU B 39 -15.88 -6.93 1.57
CA LEU B 39 -15.66 -5.51 1.82
C LEU B 39 -14.21 -5.28 2.22
N PRO B 40 -13.43 -4.64 1.34
CA PRO B 40 -12.08 -4.26 1.77
C PRO B 40 -12.13 -3.21 2.89
N VAL B 41 -11.35 -3.44 3.96
CA VAL B 41 -11.27 -2.48 5.08
C VAL B 41 -9.82 -2.38 5.57
N PHE B 42 -9.47 -1.26 6.20
CA PHE B 42 -8.12 -1.11 6.78
C PHE B 42 -8.21 -1.49 8.24
N CYS B 43 -7.39 -2.46 8.65
CA CYS B 43 -7.33 -2.84 10.06
C CYS B 43 -6.03 -2.32 10.67
N ASP B 44 -6.15 -1.54 11.74
CA ASP B 44 -5.01 -1.17 12.57
C ASP B 44 -4.84 -2.23 13.65
N MET B 45 -3.80 -3.04 13.51
CA MET B 45 -3.59 -4.20 14.38
C MET B 45 -2.66 -3.89 15.54
N ASP B 46 -2.38 -2.62 15.80
CA ASP B 46 -1.42 -2.28 16.86
C ASP B 46 -1.94 -1.35 17.95
N THR B 47 -2.65 -0.29 17.54
CA THR B 47 -3.06 0.75 18.47
C THR B 47 -3.91 0.21 19.61
N GLU B 48 -3.49 0.46 20.84
CA GLU B 48 -4.23 0.06 22.03
C GLU B 48 -4.61 -1.41 22.02
N GLY B 49 -3.66 -2.25 21.60
CA GLY B 49 -3.91 -3.69 21.52
C GLY B 49 -4.34 -4.18 20.16
N GLY B 50 -4.81 -3.26 19.32
CA GLY B 50 -5.15 -3.58 17.94
C GLY B 50 -6.56 -4.09 17.70
N GLY B 51 -6.94 -4.13 16.43
CA GLY B 51 -8.22 -4.66 16.03
C GLY B 51 -9.20 -3.57 15.60
N TRP B 52 -8.65 -2.42 15.22
CA TRP B 52 -9.46 -1.25 14.86
C TRP B 52 -9.76 -1.19 13.37
N LEU B 53 -11.04 -1.08 13.02
CA LEU B 53 -11.46 -0.86 11.64
C LEU B 53 -11.39 0.64 11.35
N VAL B 54 -10.49 1.05 10.46
CA VAL B 54 -10.38 2.49 10.14
C VAL B 54 -11.34 2.78 9.01
N PHE B 55 -12.35 3.62 9.27
CA PHE B 55 -13.41 3.87 8.27
C PHE B 55 -13.35 5.23 7.58
N GLN B 56 -12.43 6.08 8.03
CA GLN B 56 -12.22 7.39 7.41
C GLN B 56 -10.76 7.76 7.63
N ARG B 57 -10.13 8.35 6.61
CA ARG B 57 -8.75 8.76 6.74
C ARG B 57 -8.53 10.00 5.87
N ARG B 58 -7.83 11.00 6.42
CA ARG B 58 -7.41 12.18 5.67
C ARG B 58 -5.92 12.31 5.89
N GLN B 59 -5.17 12.70 4.86
N GLN B 59 -5.17 12.75 4.88
CA GLN B 59 -3.70 12.77 4.94
CA GLN B 59 -3.72 12.87 5.04
C GLN B 59 -3.04 13.81 4.04
C GLN B 59 -2.98 13.70 3.99
N ASP B 60 -3.62 14.04 2.86
CA ASP B 60 -2.90 14.79 1.80
C ASP B 60 -3.74 15.64 0.84
N GLY B 61 -5.07 15.62 1.00
CA GLY B 61 -5.95 16.39 0.13
C GLY B 61 -6.12 15.87 -1.28
N SER B 62 -5.71 14.61 -1.51
CA SER B 62 -5.75 14.04 -2.84
C SER B 62 -7.16 13.61 -3.25
N VAL B 63 -8.06 13.46 -2.29
CA VAL B 63 -9.40 12.98 -2.58
C VAL B 63 -10.46 14.06 -2.29
N ASP B 64 -11.40 14.25 -3.20
CA ASP B 64 -12.45 15.26 -3.00
C ASP B 64 -13.47 14.68 -2.03
N PHE B 65 -13.75 15.39 -0.94
CA PHE B 65 -14.74 14.93 0.05
C PHE B 65 -16.07 15.67 -0.04
N PHE B 66 -16.17 16.61 -0.97
CA PHE B 66 -17.44 17.29 -1.17
C PHE B 66 -18.29 16.50 -2.16
N ARG B 67 -18.94 15.46 -1.63
CA ARG B 67 -19.67 14.48 -2.42
C ARG B 67 -21.14 14.34 -2.05
N SER B 68 -21.88 13.72 -2.97
CA SER B 68 -23.32 13.57 -2.90
C SER B 68 -23.77 12.53 -1.87
N TRP B 69 -25.07 12.53 -1.59
CA TRP B 69 -25.70 11.50 -0.78
C TRP B 69 -25.30 10.10 -1.27
N SER B 70 -25.42 9.86 -2.57
CA SER B 70 -25.17 8.52 -3.08
C SER B 70 -23.71 8.11 -2.90
N SER B 71 -22.80 9.07 -3.08
CA SER B 71 -21.37 8.82 -2.91
C SER B 71 -21.08 8.49 -1.46
N TYR B 72 -21.61 9.28 -0.54
CA TYR B 72 -21.40 8.99 0.87
C TYR B 72 -22.05 7.68 1.29
N ARG B 73 -23.17 7.34 0.66
CA ARG B 73 -23.82 6.06 0.95
C ARG B 73 -22.92 4.87 0.56
N ALA B 74 -22.34 4.95 -0.63
CA ALA B 74 -21.54 3.85 -1.20
C ALA B 74 -20.08 3.80 -0.70
N GLY B 75 -19.56 4.93 -0.22
CA GLY B 75 -18.13 5.07 0.08
C GLY B 75 -17.38 5.54 -1.16
N PHE B 76 -16.16 6.07 -0.96
CA PHE B 76 -15.34 6.60 -2.04
C PHE B 76 -13.94 6.83 -1.54
N GLY B 77 -12.99 6.97 -2.47
CA GLY B 77 -11.61 7.25 -2.10
C GLY B 77 -10.61 6.20 -2.57
N ASN B 78 -9.48 6.15 -1.88
CA ASN B 78 -8.32 5.42 -2.35
C ASN B 78 -7.68 4.68 -1.17
N GLN B 79 -7.52 3.36 -1.30
CA GLN B 79 -6.95 2.58 -0.20
C GLN B 79 -5.52 3.01 0.07
N GLU B 80 -4.86 3.56 -0.94
CA GLU B 80 -3.50 4.06 -0.81
C GLU B 80 -3.44 5.41 -0.08
N SER B 81 -4.58 6.07 0.09
CA SER B 81 -4.57 7.39 0.73
C SER B 81 -5.85 7.67 1.55
N GLU B 82 -6.72 8.52 1.02
CA GLU B 82 -7.85 9.01 1.81
C GLU B 82 -9.13 8.37 1.38
N PHE B 83 -10.03 8.15 2.32
CA PHE B 83 -11.30 7.50 1.99
C PHE B 83 -12.39 7.70 3.04
N TRP B 84 -13.63 7.46 2.59
CA TRP B 84 -14.78 7.26 3.46
C TRP B 84 -15.36 5.89 3.13
N LEU B 85 -15.44 5.02 4.12
CA LEU B 85 -15.83 3.63 3.89
C LEU B 85 -17.23 3.51 3.29
N GLY B 86 -18.14 4.41 3.70
CA GLY B 86 -19.51 4.38 3.20
C GLY B 86 -20.56 4.23 4.29
N ASN B 87 -21.61 5.04 4.23
CA ASN B 87 -22.67 5.01 5.24
C ASN B 87 -23.40 3.67 5.33
N GLU B 88 -23.65 3.05 4.18
CA GLU B 88 -24.37 1.77 4.19
C GLU B 88 -23.49 0.68 4.81
N ASN B 89 -22.23 0.65 4.41
CA ASN B 89 -21.25 -0.25 5.03
C ASN B 89 -21.22 -0.05 6.54
N LEU B 90 -21.18 1.21 6.98
CA LEU B 90 -21.12 1.50 8.40
C LEU B 90 -22.40 1.09 9.14
N HIS B 91 -23.55 1.33 8.53
CA HIS B 91 -24.81 0.86 9.07
C HIS B 91 -24.81 -0.66 9.25
N GLN B 92 -24.40 -1.39 8.21
CA GLN B 92 -24.43 -2.85 8.26
C GLN B 92 -23.46 -3.40 9.32
N LEU B 93 -22.26 -2.81 9.38
CA LEU B 93 -21.27 -3.20 10.39
C LEU B 93 -21.74 -2.96 11.82
N THR B 94 -22.47 -1.88 12.04
CA THR B 94 -22.82 -1.49 13.41
C THR B 94 -24.22 -1.94 13.83
N LEU B 95 -24.88 -2.75 13.01
CA LEU B 95 -26.21 -3.30 13.35
C LEU B 95 -26.19 -3.99 14.71
N GLN B 96 -25.17 -4.82 14.93
CA GLN B 96 -24.96 -5.49 16.22
C GLN B 96 -23.62 -5.13 16.83
N GLY B 97 -23.47 -5.44 18.11
CA GLY B 97 -22.24 -5.20 18.81
C GLY B 97 -22.19 -3.75 19.23
N ASN B 98 -21.37 -3.45 20.22
N ASN B 98 -21.32 -3.41 20.15
CA ASN B 98 -21.10 -2.08 20.57
CA ASN B 98 -21.17 -2.01 20.54
C ASN B 98 -19.67 -1.78 20.14
C ASN B 98 -19.75 -1.49 20.32
N TRP B 99 -19.56 -0.94 19.13
CA TRP B 99 -18.26 -0.59 18.62
C TRP B 99 -17.81 0.71 19.23
N GLU B 100 -16.62 0.69 19.85
N GLU B 100 -16.63 0.69 19.86
CA GLU B 100 -16.03 1.90 20.39
CA GLU B 100 -16.07 1.93 20.40
C GLU B 100 -15.44 2.75 19.26
C GLU B 100 -15.48 2.75 19.26
N LEU B 101 -15.53 4.07 19.40
CA LEU B 101 -14.99 4.99 18.41
C LEU B 101 -13.73 5.67 18.92
N ARG B 102 -12.67 5.65 18.11
CA ARG B 102 -11.47 6.43 18.40
C ARG B 102 -11.23 7.38 17.22
N VAL B 103 -11.09 8.66 17.54
CA VAL B 103 -10.73 9.66 16.55
C VAL B 103 -9.30 10.12 16.80
N GLU B 104 -8.46 10.03 15.77
CA GLU B 104 -7.06 10.46 15.86
C GLU B 104 -6.83 11.70 14.99
N LEU B 105 -6.19 12.71 15.58
N LEU B 105 -6.16 12.70 15.56
CA LEU B 105 -5.93 13.96 14.89
CA LEU B 105 -5.96 13.99 14.91
C LEU B 105 -4.45 14.23 14.92
C LEU B 105 -4.50 14.41 14.98
N GLU B 106 -3.93 14.82 13.84
CA GLU B 106 -2.53 15.22 13.81
C GLU B 106 -2.38 16.61 13.20
N ASP B 107 -1.75 17.51 13.96
CA ASP B 107 -1.60 18.89 13.50
C ASP B 107 -0.40 19.06 12.55
N PHE B 108 -0.19 20.28 12.08
CA PHE B 108 0.85 20.52 11.07
C PHE B 108 2.26 20.45 11.63
N ASN B 109 2.35 20.36 12.95
CA ASN B 109 3.63 20.21 13.62
C ASN B 109 3.93 18.74 13.86
N GLY B 110 2.89 17.91 13.75
CA GLY B 110 3.04 16.47 13.96
C GLY B 110 2.54 15.96 15.30
N ASN B 111 2.03 16.86 16.13
CA ASN B 111 1.46 16.47 17.41
C ASN B 111 0.15 15.72 17.21
N ARG B 112 -0.01 14.61 17.91
CA ARG B 112 -1.21 13.82 17.79
C ARG B 112 -2.07 13.92 19.03
N THR B 113 -3.38 14.06 18.82
CA THR B 113 -4.37 14.08 19.90
C THR B 113 -5.52 13.16 19.51
N PHE B 114 -6.38 12.84 20.47
N PHE B 114 -6.38 12.83 20.46
CA PHE B 114 -7.39 11.80 20.28
CA PHE B 114 -7.42 11.85 20.21
C PHE B 114 -8.68 12.06 21.05
C PHE B 114 -8.68 12.07 21.03
N ALA B 115 -9.73 11.36 20.65
CA ALA B 115 -11.01 11.37 21.38
C ALA B 115 -11.60 9.96 21.29
N HIS B 116 -12.20 9.51 22.39
CA HIS B 116 -12.75 8.17 22.49
C HIS B 116 -14.21 8.25 22.95
N TYR B 117 -15.06 7.51 22.24
CA TYR B 117 -16.50 7.44 22.55
C TYR B 117 -16.88 5.98 22.76
N ALA B 118 -17.69 5.72 23.78
CA ALA B 118 -17.97 4.36 24.20
C ALA B 118 -18.60 3.49 23.12
N THR B 119 -19.54 4.06 22.35
CA THR B 119 -20.16 3.36 21.25
C THR B 119 -20.41 4.27 20.04
N PHE B 120 -20.47 3.65 18.86
CA PHE B 120 -20.76 4.35 17.61
C PHE B 120 -21.64 3.45 16.75
N ARG B 121 -22.76 4.00 16.28
CA ARG B 121 -23.67 3.26 15.41
C ARG B 121 -24.37 4.23 14.44
N LEU B 122 -24.57 3.81 13.19
CA LEU B 122 -25.39 4.56 12.25
C LEU B 122 -26.70 3.83 12.05
N LEU B 123 -27.81 4.56 12.12
CA LEU B 123 -29.12 4.04 11.68
C LEU B 123 -29.18 3.86 10.16
N GLY B 124 -30.27 3.30 9.65
CA GLY B 124 -30.37 2.98 8.22
C GLY B 124 -30.68 4.18 7.34
N GLU B 125 -30.69 3.97 6.03
CA GLU B 125 -30.93 5.05 5.07
C GLU B 125 -32.27 5.77 5.26
N VAL B 126 -33.32 5.03 5.62
CA VAL B 126 -34.62 5.65 5.88
C VAL B 126 -34.53 6.66 7.03
N ASP B 127 -33.63 6.38 7.99
CA ASP B 127 -33.37 7.30 9.11
C ASP B 127 -32.17 8.25 8.82
N HIS B 128 -31.83 8.40 7.54
CA HIS B 128 -30.77 9.30 7.09
C HIS B 128 -29.42 9.03 7.76
N TYR B 129 -29.15 7.76 8.04
CA TYR B 129 -27.87 7.38 8.61
C TYR B 129 -27.56 8.18 9.87
N GLN B 130 -28.60 8.38 10.69
CA GLN B 130 -28.48 9.07 11.94
C GLN B 130 -27.41 8.50 12.86
N LEU B 131 -26.63 9.39 13.44
CA LEU B 131 -25.57 9.01 14.36
C LEU B 131 -26.10 8.64 15.74
N ALA B 132 -25.74 7.45 16.22
CA ALA B 132 -26.01 7.11 17.60
C ALA B 132 -24.67 6.98 18.33
N LEU B 133 -24.43 7.86 19.28
CA LEU B 133 -23.12 7.99 19.90
C LEU B 133 -23.16 7.85 21.42
N GLY B 134 -22.27 7.01 21.95
CA GLY B 134 -22.13 6.87 23.40
C GLY B 134 -21.31 8.00 24.00
N LYS B 135 -21.03 7.89 25.29
CA LYS B 135 -20.36 8.94 26.04
C LYS B 135 -18.90 9.14 25.66
N PHE B 136 -18.48 10.39 25.62
CA PHE B 136 -17.07 10.74 25.52
C PHE B 136 -16.39 10.24 26.78
N SER B 137 -15.40 9.38 26.62
CA SER B 137 -14.77 8.76 27.79
C SER B 137 -13.52 9.52 28.19
N GLU B 138 -12.66 9.79 27.21
N GLU B 138 -12.68 9.83 27.20
CA GLU B 138 -11.48 10.61 27.43
CA GLU B 138 -11.45 10.56 27.43
C GLU B 138 -10.93 11.02 26.07
C GLU B 138 -10.84 10.93 26.09
N GLY B 139 -9.95 11.91 26.08
CA GLY B 139 -9.28 12.29 24.86
C GLY B 139 -8.65 13.65 24.93
N THR B 140 -7.37 13.69 24.56
CA THR B 140 -6.61 14.93 24.57
C THR B 140 -7.17 15.97 23.60
N ALA B 141 -7.92 15.53 22.59
CA ALA B 141 -8.59 16.47 21.67
C ALA B 141 -9.89 17.05 22.24
N GLY B 142 -10.35 16.50 23.35
CA GLY B 142 -11.63 16.91 23.93
C GLY B 142 -12.80 16.39 23.11
N ASP B 143 -14.01 16.73 23.54
CA ASP B 143 -15.25 16.23 22.95
C ASP B 143 -15.82 17.22 21.93
N SER B 144 -15.83 16.83 20.66
CA SER B 144 -16.49 17.65 19.64
C SER B 144 -17.48 16.87 18.78
N LEU B 145 -17.91 15.69 19.25
CA LEU B 145 -18.86 14.89 18.50
C LEU B 145 -20.21 14.73 19.21
N SER B 146 -20.23 14.93 20.53
CA SER B 146 -21.45 14.74 21.29
C SER B 146 -22.61 15.57 20.73
N LEU B 147 -22.32 16.80 20.33
CA LEU B 147 -23.34 17.68 19.73
C LEU B 147 -24.06 17.00 18.57
N HIS B 148 -23.32 16.16 17.84
CA HIS B 148 -23.82 15.56 16.61
C HIS B 148 -24.57 14.26 16.81
N SER B 149 -24.44 13.68 17.99
CA SER B 149 -25.22 12.49 18.32
C SER B 149 -26.70 12.78 18.17
N GLY B 150 -27.42 11.82 17.60
CA GLY B 150 -28.86 11.93 17.42
C GLY B 150 -29.30 12.62 16.15
N ARG B 151 -28.33 13.05 15.33
CA ARG B 151 -28.62 13.83 14.12
C ARG B 151 -28.42 13.05 12.84
N PRO B 152 -29.26 13.33 11.83
CA PRO B 152 -29.14 12.71 10.51
C PRO B 152 -27.91 13.19 9.75
N PHE B 153 -27.47 12.41 8.77
CA PHE B 153 -26.36 12.82 7.93
C PHE B 153 -26.89 13.76 6.86
N THR B 154 -26.06 14.73 6.48
CA THR B 154 -26.44 15.77 5.50
C THR B 154 -25.34 15.95 4.46
N THR B 155 -25.74 16.00 3.19
CA THR B 155 -24.82 16.27 2.07
C THR B 155 -25.38 17.43 1.26
N TYR B 156 -24.65 17.89 0.25
CA TYR B 156 -25.10 19.08 -0.48
C TYR B 156 -26.43 18.90 -1.18
N ASP B 157 -26.75 17.65 -1.51
CA ASP B 157 -28.00 17.31 -2.22
C ASP B 157 -29.06 16.67 -1.34
N ALA B 158 -28.78 16.58 -0.03
CA ALA B 158 -29.73 15.98 0.90
C ALA B 158 -29.63 16.68 2.25
N ASP B 159 -30.44 17.73 2.41
CA ASP B 159 -30.36 18.59 3.60
C ASP B 159 -31.28 18.06 4.68
N HIS B 160 -30.69 17.60 5.78
CA HIS B 160 -31.45 17.09 6.91
C HIS B 160 -31.11 17.80 8.24
N ASP B 161 -30.39 18.92 8.17
CA ASP B 161 -29.78 19.49 9.37
C ASP B 161 -30.75 20.41 10.11
N SER B 162 -30.26 21.17 11.07
CA SER B 162 -31.15 22.02 11.86
C SER B 162 -31.04 23.50 11.47
N SER B 163 -30.38 23.76 10.35
CA SER B 163 -30.23 25.12 9.80
C SER B 163 -31.29 25.38 8.74
N ASN B 164 -31.72 26.64 8.61
CA ASN B 164 -32.56 27.02 7.49
C ASN B 164 -31.83 26.82 6.15
N SER B 165 -30.50 26.93 6.18
CA SER B 165 -29.68 26.70 4.99
C SER B 165 -29.18 25.26 4.99
N ASN B 166 -28.36 24.91 3.99
CA ASN B 166 -27.73 23.59 3.96
C ASN B 166 -26.28 23.66 4.47
N CYS B 167 -26.04 23.14 5.68
CA CYS B 167 -24.73 23.21 6.28
C CYS B 167 -23.64 22.60 5.41
N ALA B 168 -23.95 21.53 4.68
CA ALA B 168 -22.95 20.88 3.84
C ALA B 168 -22.44 21.87 2.81
N VAL B 169 -23.34 22.70 2.29
CA VAL B 169 -22.96 23.73 1.33
C VAL B 169 -22.18 24.86 1.99
N ILE B 170 -22.68 25.33 3.15
CA ILE B 170 -22.03 26.43 3.85
C ILE B 170 -20.58 26.09 4.18
N VAL B 171 -20.38 24.88 4.72
CA VAL B 171 -19.06 24.53 5.24
C VAL B 171 -18.24 23.62 4.30
N HIS B 172 -18.84 23.20 3.20
CA HIS B 172 -18.15 22.39 2.17
C HIS B 172 -17.70 21.02 2.69
N GLY B 173 -18.68 20.23 3.15
CA GLY B 173 -18.37 18.91 3.66
C GLY B 173 -19.62 18.07 3.71
N ALA B 174 -19.56 17.01 4.50
CA ALA B 174 -20.71 16.17 4.79
C ALA B 174 -20.56 15.62 6.20
N TRP B 175 -21.65 15.64 6.95
CA TRP B 175 -21.57 15.28 8.38
C TRP B 175 -22.98 15.25 8.96
N TRP B 176 -23.07 14.91 10.25
CA TRP B 176 -24.34 14.91 10.96
C TRP B 176 -24.59 16.32 11.47
N TYR B 177 -24.74 17.25 10.53
CA TYR B 177 -24.74 18.68 10.86
C TYR B 177 -25.94 19.11 11.71
N ALA B 178 -25.67 20.09 12.57
CA ALA B 178 -26.73 20.79 13.31
C ALA B 178 -26.87 22.15 12.64
N SER B 179 -26.30 23.19 13.24
CA SER B 179 -26.30 24.51 12.60
C SER B 179 -25.08 25.35 12.97
N CYS B 180 -23.87 24.90 12.63
CA CYS B 180 -23.65 23.73 11.77
C CYS B 180 -22.83 22.63 12.44
N TYR B 181 -21.69 22.97 13.04
CA TYR B 181 -20.86 21.91 13.60
C TYR B 181 -19.88 22.24 14.72
N ARG B 182 -19.53 21.20 15.48
CA ARG B 182 -18.39 21.22 16.37
C ARG B 182 -17.24 20.36 15.81
N SER B 183 -17.57 19.40 14.93
CA SER B 183 -16.51 18.70 14.17
C SER B 183 -16.88 18.60 12.68
N ASN B 184 -15.87 18.47 11.81
CA ASN B 184 -16.11 18.56 10.38
C ASN B 184 -15.02 17.80 9.65
N LEU B 185 -14.81 16.54 10.04
CA LEU B 185 -13.62 15.79 9.56
C LEU B 185 -13.64 15.41 8.07
N ASN B 186 -14.81 15.51 7.44
CA ASN B 186 -14.94 15.33 5.99
C ASN B 186 -14.94 16.65 5.24
N GLY B 187 -14.42 17.68 5.88
CA GLY B 187 -14.37 19.01 5.27
C GLY B 187 -13.26 19.19 4.25
N ARG B 188 -13.11 20.41 3.75
CA ARG B 188 -12.12 20.71 2.72
C ARG B 188 -10.69 20.64 3.27
N TYR B 189 -9.84 19.90 2.56
CA TYR B 189 -8.44 19.75 2.97
C TYR B 189 -7.64 21.05 2.83
N ALA B 190 -6.68 21.24 3.74
CA ALA B 190 -5.70 22.32 3.67
C ALA B 190 -4.33 21.81 4.08
N VAL B 191 -3.30 22.15 3.32
CA VAL B 191 -1.92 21.67 3.56
C VAL B 191 -1.17 22.34 4.70
N SER B 192 -1.66 23.50 5.15
CA SER B 192 -0.99 24.26 6.20
C SER B 192 -1.97 25.26 6.81
N GLU B 193 -1.36 26.04 7.67
CA GLU B 193 -2.29 26.93 8.34
C GLU B 193 -2.76 28.05 7.41
N ALA B 194 -1.55 28.43 6.80
CA ALA B 194 -1.66 29.49 5.79
C ALA B 194 -2.74 29.20 4.75
N ALA B 195 -2.92 27.92 4.41
CA ALA B 195 -3.90 27.52 3.41
C ALA B 195 -5.29 27.29 3.99
N ALA B 196 -5.41 27.41 5.31
CA ALA B 196 -6.65 27.06 6.02
C ALA B 196 -7.89 27.75 5.46
N HIS B 197 -8.99 27.00 5.42
CA HIS B 197 -10.29 27.52 5.01
C HIS B 197 -11.03 27.93 6.28
N LYS B 198 -12.00 28.82 6.14
CA LYS B 198 -12.83 29.24 7.28
C LYS B 198 -13.44 27.99 7.94
N TYR B 199 -13.93 27.07 7.11
CA TYR B 199 -14.41 25.78 7.57
C TYR B 199 -13.56 24.69 6.94
N GLY B 200 -12.90 23.90 7.78
CA GLY B 200 -12.03 22.84 7.28
C GLY B 200 -12.14 21.59 8.12
N ILE B 201 -11.08 20.77 8.10
CA ILE B 201 -11.00 19.54 8.85
C ILE B 201 -10.77 19.93 10.30
N ASP B 202 -11.88 20.18 10.99
CA ASP B 202 -11.89 20.91 12.26
C ASP B 202 -12.46 20.08 13.41
N TRP B 203 -11.90 20.29 14.60
CA TRP B 203 -12.39 19.70 15.84
C TRP B 203 -12.41 20.85 16.85
N ALA B 204 -13.60 21.36 17.15
CA ALA B 204 -13.73 22.64 17.88
C ALA B 204 -13.05 22.66 19.25
N SER B 205 -13.09 21.53 19.95
CA SER B 205 -12.52 21.44 21.30
C SER B 205 -10.99 21.23 21.25
N GLY B 206 -10.48 20.97 20.05
CA GLY B 206 -9.05 20.79 19.85
C GLY B 206 -8.43 22.10 19.41
N ARG B 207 -8.19 22.25 18.11
CA ARG B 207 -7.61 23.49 17.62
C ARG B 207 -8.66 24.54 17.30
N GLY B 208 -9.94 24.14 17.31
CA GLY B 208 -11.03 25.07 17.07
C GLY B 208 -11.47 25.18 15.61
N VAL B 209 -12.67 25.71 15.41
CA VAL B 209 -13.16 25.96 14.04
C VAL B 209 -12.18 26.88 13.32
N GLY B 210 -11.85 26.53 12.07
CA GLY B 210 -10.95 27.34 11.22
C GLY B 210 -9.46 27.08 11.39
N HIS B 211 -9.13 26.07 12.21
CA HIS B 211 -7.75 25.70 12.51
C HIS B 211 -7.61 24.20 12.34
N PRO B 212 -7.27 23.80 11.10
CA PRO B 212 -7.41 22.40 10.68
C PRO B 212 -6.25 21.49 11.06
N TYR B 213 -6.46 20.21 10.78
CA TYR B 213 -5.47 19.16 11.01
C TYR B 213 -4.93 18.63 9.70
N ARG B 214 -3.71 18.13 9.75
CA ARG B 214 -3.06 17.58 8.58
C ARG B 214 -3.50 16.14 8.33
N ARG B 215 -3.73 15.38 9.39
CA ARG B 215 -4.13 13.99 9.25
C ARG B 215 -5.22 13.66 10.24
N VAL B 216 -6.15 12.82 9.80
CA VAL B 216 -7.25 12.37 10.64
C VAL B 216 -7.50 10.90 10.35
N ARG B 217 -7.88 10.14 11.37
CA ARG B 217 -8.42 8.79 11.20
C ARG B 217 -9.61 8.63 12.12
N MET B 218 -10.66 7.97 11.65
CA MET B 218 -11.77 7.56 12.52
C MET B 218 -11.81 6.02 12.45
N MET B 219 -11.93 5.39 13.63
CA MET B 219 -11.65 3.96 13.80
C MET B 219 -12.66 3.34 14.76
N LEU B 220 -13.04 2.08 14.51
CA LEU B 220 -14.00 1.37 15.36
C LEU B 220 -13.45 0.04 15.85
N ARG B 221 -13.80 -0.31 17.09
N ARG B 221 -13.91 -0.40 17.01
CA ARG B 221 -13.28 -1.51 17.73
CA ARG B 221 -13.57 -1.73 17.49
C ARG B 221 -14.19 -1.97 18.87
C ARG B 221 -14.75 -2.34 18.27
N GLY C 11 -2.68 -18.08 -1.58
CA GLY C 11 -1.61 -18.58 -2.49
C GLY C 11 -1.10 -19.96 -2.13
N PRO C 12 -0.15 -20.47 -2.94
CA PRO C 12 0.45 -21.79 -2.73
C PRO C 12 1.36 -21.82 -1.51
N ARG C 13 2.55 -22.38 -1.64
CA ARG C 13 3.39 -22.66 -0.48
C ARG C 13 4.41 -21.56 -0.17
N ASN C 14 4.81 -20.81 -1.20
CA ASN C 14 5.86 -19.81 -1.06
C ASN C 14 5.73 -18.74 -2.15
N CYS C 15 6.61 -17.75 -2.14
CA CYS C 15 6.54 -16.67 -3.13
C CYS C 15 6.98 -17.13 -4.53
N ARG C 16 7.87 -18.11 -4.60
CA ARG C 16 8.32 -18.63 -5.90
C ARG C 16 7.14 -19.19 -6.67
N GLU C 17 6.28 -19.91 -5.95
CA GLU C 17 5.14 -20.57 -6.57
C GLU C 17 4.11 -19.56 -7.06
N LEU C 18 3.96 -18.48 -6.29
CA LEU C 18 3.10 -17.38 -6.71
C LEU C 18 3.65 -16.75 -7.98
N LEU C 19 4.94 -16.46 -8.00
CA LEU C 19 5.56 -15.82 -9.15
C LEU C 19 5.39 -16.69 -10.38
N SER C 20 5.55 -18.00 -10.19
CA SER C 20 5.46 -18.94 -11.29
C SER C 20 4.04 -18.99 -11.85
N GLN C 21 3.06 -18.62 -11.04
CA GLN C 21 1.67 -18.61 -11.47
C GLN C 21 1.21 -17.28 -12.08
N GLY C 22 2.14 -16.35 -12.26
CA GLY C 22 1.83 -15.06 -12.87
C GLY C 22 1.85 -13.85 -11.95
N ALA C 23 2.09 -14.05 -10.65
CA ALA C 23 2.17 -12.91 -9.72
C ALA C 23 3.53 -12.22 -9.81
N THR C 24 3.65 -11.26 -10.73
CA THR C 24 4.94 -10.67 -11.07
C THR C 24 5.22 -9.32 -10.42
N LEU C 25 4.23 -8.77 -9.73
CA LEU C 25 4.38 -7.51 -9.02
C LEU C 25 4.68 -7.75 -7.53
N SER C 26 5.69 -7.07 -6.99
CA SER C 26 6.00 -7.22 -5.57
C SER C 26 4.92 -6.61 -4.75
N GLY C 27 4.58 -7.26 -3.64
CA GLY C 27 3.49 -6.78 -2.78
C GLY C 27 2.99 -7.87 -1.85
N TRP C 28 1.83 -7.63 -1.27
CA TRP C 28 1.30 -8.52 -0.26
C TRP C 28 0.40 -9.59 -0.88
N TYR C 29 0.71 -10.85 -0.56
CA TYR C 29 -0.03 -11.99 -1.08
C TYR C 29 -0.39 -12.87 0.09
N HIS C 30 -1.22 -13.88 -0.16
CA HIS C 30 -1.55 -14.84 0.87
C HIS C 30 -0.89 -16.18 0.60
N LEU C 31 -0.32 -16.78 1.63
CA LEU C 31 0.14 -18.14 1.55
C LEU C 31 -0.81 -19.00 2.37
N CYS C 32 -1.00 -20.24 1.96
CA CYS C 32 -1.82 -21.15 2.74
C CYS C 32 -0.91 -22.07 3.53
N LEU C 33 -1.00 -21.96 4.85
CA LEU C 33 -0.13 -22.73 5.74
C LEU C 33 -0.61 -24.18 5.86
N PRO C 34 0.27 -25.07 6.34
CA PRO C 34 -0.05 -26.47 6.56
C PRO C 34 -1.44 -26.64 7.18
N GLU C 35 -1.66 -25.97 8.30
CA GLU C 35 -2.88 -26.08 9.09
C GLU C 35 -4.13 -25.67 8.30
N GLY C 36 -3.94 -24.91 7.24
CA GLY C 36 -5.06 -24.38 6.47
C GLY C 36 -5.39 -22.95 6.87
N ARG C 37 -4.41 -22.26 7.43
CA ARG C 37 -4.57 -20.85 7.79
C ARG C 37 -3.93 -19.99 6.69
N ALA C 38 -4.65 -18.97 6.23
CA ALA C 38 -4.10 -18.06 5.23
C ALA C 38 -3.22 -17.00 5.90
N LEU C 39 -2.02 -16.82 5.37
CA LEU C 39 -1.04 -15.93 5.97
C LEU C 39 -0.64 -14.82 5.00
N PRO C 40 -0.95 -13.56 5.34
CA PRO C 40 -0.47 -12.46 4.50
C PRO C 40 1.05 -12.35 4.55
N VAL C 41 1.70 -12.29 3.40
CA VAL C 41 3.17 -12.12 3.39
C VAL C 41 3.58 -11.15 2.27
N PHE C 42 4.75 -10.53 2.42
CA PHE C 42 5.26 -9.70 1.35
C PHE C 42 6.18 -10.51 0.45
N CYS C 43 5.88 -10.53 -0.83
CA CYS C 43 6.74 -11.17 -1.82
C CYS C 43 7.46 -10.13 -2.64
N ASP C 44 8.79 -10.24 -2.67
CA ASP C 44 9.63 -9.47 -3.59
C ASP C 44 9.79 -10.30 -4.85
N MET C 45 9.20 -9.84 -5.95
CA MET C 45 9.15 -10.61 -7.19
C MET C 45 10.23 -10.21 -8.17
N ASP C 46 11.19 -9.42 -7.71
CA ASP C 46 12.19 -8.84 -8.60
C ASP C 46 13.64 -9.18 -8.25
N THR C 47 13.98 -9.10 -6.96
CA THR C 47 15.36 -9.28 -6.55
C THR C 47 15.88 -10.65 -6.95
N GLU C 48 17.03 -10.66 -7.63
CA GLU C 48 17.66 -11.90 -8.07
C GLU C 48 16.69 -12.87 -8.73
N GLY C 49 15.82 -12.34 -9.58
CA GLY C 49 14.87 -13.18 -10.30
C GLY C 49 13.53 -13.24 -9.61
N GLY C 50 13.49 -12.82 -8.35
CA GLY C 50 12.24 -12.75 -7.60
C GLY C 50 11.81 -14.02 -6.89
N GLY C 51 10.80 -13.88 -6.04
CA GLY C 51 10.23 -15.01 -5.32
C GLY C 51 10.69 -15.09 -3.88
N TRP C 52 11.02 -13.94 -3.30
CA TRP C 52 11.52 -13.88 -1.92
C TRP C 52 10.40 -13.47 -0.99
N LEU C 53 10.28 -14.18 0.13
CA LEU C 53 9.32 -13.85 1.17
C LEU C 53 10.05 -12.99 2.18
N VAL C 54 9.66 -11.72 2.30
CA VAL C 54 10.35 -10.79 3.21
C VAL C 54 9.69 -10.88 4.56
N PHE C 55 10.45 -11.32 5.58
CA PHE C 55 9.86 -11.52 6.91
C PHE C 55 10.23 -10.47 7.95
N GLN C 56 11.12 -9.56 7.58
CA GLN C 56 11.47 -8.45 8.45
C GLN C 56 11.84 -7.27 7.57
N ARG C 57 11.45 -6.07 7.97
CA ARG C 57 11.81 -4.87 7.25
C ARG C 57 11.97 -3.72 8.25
N ARG C 58 13.08 -3.00 8.17
CA ARG C 58 13.29 -1.77 8.93
C ARG C 58 13.59 -0.69 7.91
N GLN C 59 13.23 0.56 8.23
CA GLN C 59 13.38 1.63 7.25
C GLN C 59 13.11 3.06 7.71
N ASP C 60 12.44 3.21 8.85
N ASP C 60 12.44 3.22 8.85
CA ASP C 60 12.05 4.53 9.34
CA ASP C 60 12.09 4.57 9.32
C ASP C 60 12.31 4.70 10.84
C ASP C 60 11.91 4.74 10.84
N GLY C 61 11.99 3.66 11.60
CA GLY C 61 11.89 3.75 13.06
C GLY C 61 10.47 4.01 13.56
N SER C 62 9.50 3.89 12.66
CA SER C 62 8.09 4.14 13.01
C SER C 62 7.48 3.03 13.86
N VAL C 63 8.07 1.84 13.81
CA VAL C 63 7.55 0.70 14.56
C VAL C 63 8.50 0.30 15.68
N ASP C 64 7.96 0.13 16.88
CA ASP C 64 8.76 -0.28 18.04
C ASP C 64 9.08 -1.77 17.95
N PHE C 65 10.37 -2.11 18.03
CA PHE C 65 10.80 -3.51 17.90
C PHE C 65 11.20 -4.11 19.24
N PHE C 66 11.10 -3.31 20.29
CA PHE C 66 11.34 -3.81 21.65
C PHE C 66 10.06 -4.43 22.19
N ARG C 67 9.82 -5.68 21.83
CA ARG C 67 8.55 -6.34 22.09
C ARG C 67 8.71 -7.67 22.81
N SER C 68 7.60 -8.15 23.36
CA SER C 68 7.58 -9.36 24.18
C SER C 68 7.73 -10.66 23.39
N TRP C 69 7.90 -11.74 24.14
CA TRP C 69 7.96 -13.07 23.57
C TRP C 69 6.73 -13.37 22.72
N SER C 70 5.55 -13.11 23.28
CA SER C 70 4.31 -13.40 22.55
C SER C 70 4.12 -12.49 21.33
N SER C 71 4.63 -11.27 21.39
CA SER C 71 4.53 -10.36 20.24
C SER C 71 5.45 -10.86 19.13
N TYR C 72 6.67 -11.25 19.48
CA TYR C 72 7.56 -11.84 18.47
C TYR C 72 7.06 -13.15 17.92
N ARG C 73 6.33 -13.92 18.74
CA ARG C 73 5.71 -15.14 18.26
C ARG C 73 4.66 -14.86 17.18
N ALA C 74 3.82 -13.87 17.42
CA ALA C 74 2.63 -13.59 16.59
C ALA C 74 2.93 -12.70 15.40
N GLY C 75 4.01 -11.93 15.50
CA GLY C 75 4.32 -10.90 14.53
C GLY C 75 3.69 -9.56 14.89
N PHE C 76 4.22 -8.49 14.31
CA PHE C 76 3.75 -7.14 14.60
C PHE C 76 4.25 -6.17 13.54
N GLY C 77 3.57 -5.03 13.42
CA GLY C 77 4.01 -4.03 12.47
C GLY C 77 2.96 -3.62 11.46
N ASN C 78 3.43 -3.05 10.35
N ASN C 78 3.44 -3.01 10.38
CA ASN C 78 2.57 -2.42 9.37
CA ASN C 78 2.60 -2.40 9.35
C ASN C 78 2.97 -2.84 7.97
C ASN C 78 2.99 -2.92 7.99
N GLN C 79 2.01 -3.32 7.19
CA GLN C 79 2.28 -3.82 5.83
C GLN C 79 2.98 -2.77 4.97
N GLU C 80 2.63 -1.51 5.21
CA GLU C 80 3.18 -0.39 4.46
C GLU C 80 4.63 -0.05 4.80
N SER C 81 5.11 -0.51 5.96
CA SER C 81 6.43 -0.10 6.42
C SER C 81 7.19 -1.21 7.13
N GLU C 82 7.37 -1.07 8.45
CA GLU C 82 8.24 -1.97 9.20
C GLU C 82 7.44 -3.11 9.84
N PHE C 83 8.03 -4.32 9.85
CA PHE C 83 7.33 -5.44 10.49
C PHE C 83 8.26 -6.59 10.84
N TRP C 84 7.75 -7.49 11.68
CA TRP C 84 8.32 -8.82 11.92
C TRP C 84 7.19 -9.81 11.64
N LEU C 85 7.41 -10.77 10.75
CA LEU C 85 6.31 -11.66 10.31
C LEU C 85 5.77 -12.54 11.44
N GLY C 86 6.64 -12.94 12.36
CA GLY C 86 6.23 -13.74 13.50
C GLY C 86 6.95 -15.07 13.58
N ASN C 87 7.43 -15.41 14.77
CA ASN C 87 8.21 -16.63 14.94
C ASN C 87 7.41 -17.88 14.66
N GLU C 88 6.15 -17.92 15.09
CA GLU C 88 5.34 -19.11 14.83
C GLU C 88 5.13 -19.26 13.33
N ASN C 89 4.84 -18.15 12.66
CA ASN C 89 4.70 -18.18 11.20
C ASN C 89 5.95 -18.71 10.52
N LEU C 90 7.12 -18.21 10.91
CA LEU C 90 8.37 -18.67 10.32
C LEU C 90 8.65 -20.15 10.60
N HIS C 91 8.34 -20.58 11.82
CA HIS C 91 8.48 -21.98 12.16
C HIS C 91 7.59 -22.84 11.25
N GLN C 92 6.34 -22.44 11.09
CA GLN C 92 5.42 -23.18 10.25
C GLN C 92 5.88 -23.24 8.79
N LEU C 93 6.29 -22.10 8.25
CA LEU C 93 6.82 -22.05 6.88
C LEU C 93 8.02 -22.96 6.65
N THR C 94 8.91 -23.03 7.62
CA THR C 94 10.18 -23.73 7.43
C THR C 94 10.18 -25.16 7.96
N LEU C 95 9.01 -25.64 8.39
CA LEU C 95 8.85 -27.05 8.75
C LEU C 95 9.15 -27.93 7.54
N GLN C 96 8.87 -27.40 6.35
N GLN C 96 8.93 -27.38 6.35
CA GLN C 96 9.11 -28.11 5.11
CA GLN C 96 9.09 -28.09 5.10
C GLN C 96 9.77 -27.16 4.10
C GLN C 96 9.69 -27.16 4.06
N GLY C 97 10.39 -27.73 3.08
CA GLY C 97 11.03 -26.95 2.04
C GLY C 97 12.42 -26.46 2.41
N ASN C 98 13.15 -25.97 1.41
CA ASN C 98 14.48 -25.42 1.61
C ASN C 98 14.47 -23.93 1.35
N TRP C 99 14.76 -23.15 2.38
CA TRP C 99 14.65 -21.70 2.27
C TRP C 99 16.02 -21.05 2.47
N GLU C 100 16.52 -20.39 1.43
CA GLU C 100 17.77 -19.65 1.54
C GLU C 100 17.48 -18.32 2.21
N LEU C 101 18.36 -17.88 3.11
CA LEU C 101 18.22 -16.56 3.73
C LEU C 101 19.04 -15.50 3.02
N ARG C 102 18.41 -14.39 2.65
CA ARG C 102 19.13 -13.20 2.19
C ARG C 102 18.88 -12.04 3.14
N VAL C 103 19.97 -11.40 3.56
CA VAL C 103 19.89 -10.24 4.40
C VAL C 103 20.35 -9.03 3.59
N GLU C 104 19.52 -7.99 3.57
CA GLU C 104 19.83 -6.77 2.84
C GLU C 104 20.03 -5.64 3.83
N LEU C 105 21.17 -4.94 3.70
CA LEU C 105 21.46 -3.80 4.56
C LEU C 105 21.74 -2.56 3.73
N GLU C 106 21.28 -1.42 4.21
CA GLU C 106 21.55 -0.14 3.55
C GLU C 106 21.98 0.91 4.56
N ASP C 107 23.13 1.54 4.32
CA ASP C 107 23.64 2.55 5.24
C ASP C 107 23.03 3.93 4.92
N PHE C 108 23.39 4.92 5.73
CA PHE C 108 22.77 6.24 5.60
C PHE C 108 23.14 7.01 4.34
N ASN C 109 24.02 6.42 3.52
CA ASN C 109 24.42 7.03 2.25
C ASN C 109 23.80 6.35 1.04
N GLY C 110 23.04 5.29 1.28
CA GLY C 110 22.39 4.55 0.19
C GLY C 110 23.18 3.34 -0.28
N ASN C 111 24.35 3.14 0.31
CA ASN C 111 25.16 1.95 0.02
C ASN C 111 24.41 0.71 0.49
N ARG C 112 24.36 -0.31 -0.37
CA ARG C 112 23.67 -1.56 -0.08
C ARG C 112 24.60 -2.77 -0.07
N THR C 113 24.57 -3.52 1.02
CA THR C 113 25.35 -4.75 1.16
C THR C 113 24.44 -5.90 1.54
N PHE C 114 24.93 -7.13 1.39
N PHE C 114 24.93 -7.12 1.41
CA PHE C 114 24.10 -8.32 1.56
CA PHE C 114 24.09 -8.30 1.60
C PHE C 114 24.82 -9.46 2.25
C PHE C 114 24.81 -9.44 2.30
N ALA C 115 24.05 -10.46 2.67
CA ALA C 115 24.59 -11.68 3.23
C ALA C 115 23.63 -12.83 2.88
N HIS C 116 24.18 -13.95 2.42
CA HIS C 116 23.35 -15.10 2.04
C HIS C 116 23.73 -16.32 2.85
N TYR C 117 22.72 -17.10 3.27
CA TYR C 117 22.94 -18.35 3.95
C TYR C 117 22.13 -19.44 3.27
N ALA C 118 22.74 -20.62 3.12
CA ALA C 118 22.19 -21.70 2.32
C ALA C 118 20.78 -22.14 2.71
N THR C 119 20.52 -22.20 4.02
CA THR C 119 19.21 -22.62 4.54
C THR C 119 18.86 -21.84 5.80
N PHE C 120 17.57 -21.84 6.14
CA PHE C 120 17.08 -21.13 7.29
C PHE C 120 15.83 -21.85 7.79
N ARG C 121 15.79 -22.14 9.08
CA ARG C 121 14.65 -22.82 9.69
C ARG C 121 14.58 -22.39 11.14
N LEU C 122 13.37 -22.28 11.69
CA LEU C 122 13.23 -22.03 13.12
C LEU C 122 12.56 -23.23 13.75
N LEU C 123 13.09 -23.69 14.88
CA LEU C 123 12.45 -24.78 15.60
C LEU C 123 11.19 -24.25 16.27
N GLY C 124 10.42 -25.14 16.89
CA GLY C 124 9.17 -24.74 17.54
C GLY C 124 9.33 -23.99 18.86
N GLU C 125 8.21 -23.63 19.46
CA GLU C 125 8.23 -22.80 20.66
C GLU C 125 8.90 -23.51 21.84
N VAL C 126 8.77 -24.83 21.91
CA VAL C 126 9.31 -25.57 23.05
C VAL C 126 10.83 -25.43 23.04
N ASP C 127 11.38 -25.19 21.85
CA ASP C 127 12.82 -25.01 21.68
C ASP C 127 13.18 -23.53 21.54
N HIS C 128 12.24 -22.67 21.94
CA HIS C 128 12.43 -21.23 21.95
C HIS C 128 12.76 -20.65 20.58
N TYR C 129 12.18 -21.24 19.54
CA TYR C 129 12.32 -20.75 18.16
C TYR C 129 13.79 -20.65 17.79
N GLN C 130 14.51 -21.70 18.17
CA GLN C 130 15.94 -21.79 17.96
C GLN C 130 16.26 -21.65 16.47
N LEU C 131 17.33 -20.90 16.16
CA LEU C 131 17.74 -20.68 14.77
C LEU C 131 18.51 -21.87 14.23
N ALA C 132 18.06 -22.43 13.10
CA ALA C 132 18.82 -23.43 12.38
C ALA C 132 19.27 -22.81 11.07
N LEU C 133 20.52 -22.37 11.02
CA LEU C 133 21.07 -21.61 9.90
C LEU C 133 22.09 -22.42 9.11
N GLY C 134 21.97 -22.38 7.78
CA GLY C 134 22.92 -23.04 6.89
C GLY C 134 24.20 -22.25 6.71
N LYS C 135 25.12 -22.79 5.90
CA LYS C 135 26.43 -22.19 5.70
C LYS C 135 26.36 -20.87 4.94
N PHE C 136 27.10 -19.88 5.41
CA PHE C 136 27.29 -18.62 4.71
C PHE C 136 27.90 -18.89 3.34
N SER C 137 27.22 -18.47 2.28
CA SER C 137 27.73 -18.68 0.93
C SER C 137 28.57 -17.49 0.50
N GLU C 138 27.92 -16.34 0.38
N GLU C 138 27.93 -16.33 0.35
CA GLU C 138 28.59 -15.10 -0.02
CA GLU C 138 28.64 -15.10 0.01
C GLU C 138 27.86 -13.91 0.60
C GLU C 138 27.83 -13.88 0.42
N GLY C 139 28.52 -12.75 0.57
CA GLY C 139 27.88 -11.51 0.99
C GLY C 139 28.85 -10.38 1.28
N THR C 140 28.58 -9.23 0.67
CA THR C 140 29.43 -8.05 0.81
C THR C 140 29.39 -7.46 2.21
N ALA C 141 28.40 -7.88 3.00
CA ALA C 141 28.29 -7.39 4.37
C ALA C 141 29.10 -8.28 5.30
N GLY C 142 29.50 -9.43 4.79
CA GLY C 142 30.21 -10.43 5.59
C GLY C 142 29.26 -11.21 6.46
N ASP C 143 29.79 -12.21 7.16
CA ASP C 143 28.96 -13.12 7.96
C ASP C 143 28.91 -12.71 9.43
N SER C 144 27.70 -12.42 9.91
CA SER C 144 27.47 -11.99 11.29
C SER C 144 26.27 -12.71 11.93
N LEU C 145 25.86 -13.82 11.32
CA LEU C 145 24.73 -14.58 11.84
C LEU C 145 25.12 -16.02 12.21
N SER C 146 26.24 -16.48 11.66
CA SER C 146 26.72 -17.83 11.95
C SER C 146 26.85 -18.10 13.44
N LEU C 147 27.32 -17.10 14.20
CA LEU C 147 27.46 -17.25 15.64
C LEU C 147 26.13 -17.61 16.29
N HIS C 148 25.04 -17.13 15.69
CA HIS C 148 23.72 -17.21 16.32
C HIS C 148 22.97 -18.49 15.98
N SER C 149 23.45 -19.22 14.99
CA SER C 149 22.86 -20.51 14.67
C SER C 149 22.92 -21.46 15.88
N GLY C 150 21.85 -22.23 16.08
CA GLY C 150 21.77 -23.17 17.18
C GLY C 150 21.37 -22.56 18.50
N ARG C 151 21.12 -21.24 18.50
CA ARG C 151 20.74 -20.56 19.73
C ARG C 151 19.24 -20.25 19.80
N PRO C 152 18.69 -20.21 21.02
CA PRO C 152 17.29 -19.83 21.21
C PRO C 152 17.04 -18.33 21.00
N PHE C 153 15.80 -17.99 20.68
CA PHE C 153 15.40 -16.60 20.56
C PHE C 153 15.22 -16.03 21.97
N THR C 154 15.55 -14.76 22.13
CA THR C 154 15.45 -14.08 23.42
C THR C 154 14.76 -12.72 23.30
N THR C 155 13.83 -12.47 24.23
CA THR C 155 13.15 -11.19 24.33
C THR C 155 13.31 -10.66 25.76
N TYR C 156 12.90 -9.42 25.99
CA TYR C 156 13.11 -8.79 27.30
C TYR C 156 12.38 -9.51 28.45
N ASP C 157 11.36 -10.29 28.09
CA ASP C 157 10.60 -11.03 29.08
C ASP C 157 10.83 -12.54 28.99
N ALA C 158 11.82 -12.95 28.19
CA ALA C 158 12.17 -14.36 28.05
C ALA C 158 13.65 -14.53 27.73
N ASP C 159 14.46 -14.62 28.77
CA ASP C 159 15.91 -14.73 28.61
C ASP C 159 16.37 -16.18 28.43
N HIS C 160 16.98 -16.46 27.28
CA HIS C 160 17.51 -17.80 27.00
C HIS C 160 18.94 -17.75 26.49
N ASP C 161 19.58 -16.58 26.58
CA ASP C 161 20.90 -16.38 25.97
C ASP C 161 22.03 -17.00 26.80
N SER C 162 23.24 -16.93 26.26
CA SER C 162 24.41 -17.52 26.93
C SER C 162 25.11 -16.48 27.81
N SER C 163 24.35 -15.52 28.32
CA SER C 163 24.90 -14.47 29.16
C SER C 163 24.27 -14.49 30.55
N ASN C 164 25.01 -14.01 31.54
N ASN C 164 25.02 -14.00 31.52
CA ASN C 164 24.47 -13.93 32.90
CA ASN C 164 24.54 -13.89 32.90
C ASN C 164 23.47 -12.79 33.02
C ASN C 164 23.61 -12.69 33.08
N SER C 165 23.35 -11.99 31.96
CA SER C 165 22.37 -10.91 31.95
C SER C 165 21.28 -11.22 30.93
N ASN C 166 20.45 -10.22 30.66
CA ASN C 166 19.45 -10.34 29.60
C ASN C 166 19.87 -9.48 28.41
N CYS C 167 20.43 -10.15 27.40
CA CYS C 167 20.92 -9.49 26.19
C CYS C 167 19.86 -8.59 25.55
N ALA C 168 18.62 -9.04 25.54
CA ALA C 168 17.52 -8.26 24.96
C ALA C 168 17.34 -6.92 25.67
N VAL C 169 17.54 -6.94 26.99
CA VAL C 169 17.45 -5.70 27.77
C VAL C 169 18.66 -4.81 27.57
N ILE C 170 19.85 -5.39 27.68
CA ILE C 170 21.09 -4.62 27.53
C ILE C 170 21.21 -3.96 26.16
N VAL C 171 20.93 -4.72 25.09
CA VAL C 171 21.06 -4.20 23.73
C VAL C 171 19.75 -3.64 23.15
N HIS C 172 18.64 -3.78 23.88
CA HIS C 172 17.34 -3.25 23.46
C HIS C 172 16.80 -3.79 22.12
N GLY C 173 16.62 -5.10 22.05
CA GLY C 173 16.09 -5.74 20.85
C GLY C 173 15.54 -7.12 21.15
N ALA C 174 15.63 -8.01 20.17
CA ALA C 174 15.26 -9.42 20.33
C ALA C 174 15.95 -10.18 19.22
N TRP C 175 16.51 -11.34 19.54
CA TRP C 175 17.38 -12.04 18.61
C TRP C 175 17.78 -13.38 19.21
N TRP C 176 18.58 -14.14 18.46
CA TRP C 176 19.07 -15.41 18.96
C TRP C 176 20.39 -15.13 19.65
N TYR C 177 20.30 -14.34 20.72
CA TYR C 177 21.47 -13.80 21.40
C TYR C 177 22.38 -14.87 21.99
N ALA C 178 23.68 -14.61 21.95
CA ALA C 178 24.64 -15.37 22.72
C ALA C 178 25.01 -14.50 23.91
N SER C 179 26.13 -13.79 23.81
CA SER C 179 26.53 -12.88 24.88
C SER C 179 27.38 -11.73 24.36
N CYS C 180 26.80 -10.82 23.57
CA CYS C 180 25.39 -10.88 23.18
C CYS C 180 25.18 -11.18 21.69
N TYR C 181 25.87 -10.46 20.82
CA TYR C 181 25.64 -10.62 19.38
C TYR C 181 26.76 -10.22 18.42
N ARG C 182 26.60 -10.64 17.17
CA ARG C 182 27.34 -10.08 16.04
C ARG C 182 26.35 -9.47 15.04
N SER C 183 25.07 -9.72 15.27
CA SER C 183 23.98 -9.06 14.52
C SER C 183 22.83 -8.73 15.47
N ASN C 184 22.17 -7.60 15.22
CA ASN C 184 21.11 -7.10 16.09
C ASN C 184 20.07 -6.34 15.26
N LEU C 185 19.55 -6.99 14.22
CA LEU C 185 18.68 -6.31 13.24
C LEU C 185 17.28 -5.89 13.72
N ASN C 186 16.86 -6.43 14.87
CA ASN C 186 15.61 -6.03 15.49
C ASN C 186 15.89 -4.99 16.58
N GLY C 187 17.09 -4.44 16.54
CA GLY C 187 17.53 -3.47 17.53
C GLY C 187 16.92 -2.09 17.40
N ARG C 188 17.24 -1.22 18.35
CA ARG C 188 16.68 0.13 18.41
C ARG C 188 17.07 0.98 17.20
N TYR C 189 16.09 1.60 16.57
CA TYR C 189 16.34 2.39 15.37
C TYR C 189 17.13 3.68 15.64
N ALA C 190 17.96 4.06 14.68
CA ALA C 190 18.68 5.34 14.70
C ALA C 190 18.58 6.05 13.35
N VAL C 191 18.19 7.32 13.38
CA VAL C 191 17.94 8.10 12.17
C VAL C 191 19.24 8.59 11.50
N SER C 192 20.35 8.51 12.23
CA SER C 192 21.63 8.95 11.71
C SER C 192 22.77 8.21 12.39
N GLU C 193 23.99 8.41 11.88
CA GLU C 193 25.18 7.88 12.52
C GLU C 193 25.43 8.68 13.80
N ALA C 194 24.97 9.92 13.81
CA ALA C 194 25.16 10.82 14.94
C ALA C 194 24.23 10.48 16.10
N ALA C 195 23.07 9.91 15.77
CA ALA C 195 22.09 9.49 16.79
C ALA C 195 22.31 8.04 17.20
N ALA C 196 23.34 7.41 16.62
CA ALA C 196 23.63 6.00 16.85
C ALA C 196 23.72 5.65 18.33
N HIS C 197 23.32 4.43 18.67
CA HIS C 197 23.33 3.97 20.05
C HIS C 197 24.47 3.00 20.30
N LYS C 198 24.81 2.79 21.57
CA LYS C 198 25.82 1.80 21.93
C LYS C 198 25.48 0.50 21.20
N TYR C 199 24.24 0.06 21.36
CA TYR C 199 23.74 -1.10 20.61
C TYR C 199 22.53 -0.70 19.75
N GLY C 200 22.64 -0.93 18.44
CA GLY C 200 21.56 -0.62 17.52
C GLY C 200 21.40 -1.67 16.43
N ILE C 201 20.90 -1.24 15.27
CA ILE C 201 20.68 -2.14 14.14
C ILE C 201 22.02 -2.47 13.48
N ASP C 202 22.73 -3.43 14.07
CA ASP C 202 24.14 -3.65 13.79
C ASP C 202 24.44 -4.98 13.12
N TRP C 203 25.54 -4.99 12.38
CA TRP C 203 26.03 -6.17 11.69
C TRP C 203 27.55 -6.12 11.79
N ALA C 204 28.12 -6.92 12.69
CA ALA C 204 29.53 -6.79 13.11
C ALA C 204 30.50 -6.76 11.93
N SER C 205 30.33 -7.69 11.00
CA SER C 205 31.23 -7.84 9.86
C SER C 205 31.02 -6.77 8.80
N GLY C 206 30.00 -5.93 8.99
CA GLY C 206 29.68 -4.89 8.03
C GLY C 206 30.23 -3.55 8.45
N ARG C 207 29.39 -2.74 9.07
CA ARG C 207 29.83 -1.46 9.60
C ARG C 207 30.29 -1.61 11.05
N GLY C 208 29.99 -2.76 11.65
CA GLY C 208 30.42 -3.06 13.02
C GLY C 208 29.45 -2.64 14.10
N VAL C 209 29.60 -3.24 15.28
CA VAL C 209 28.79 -2.90 16.44
C VAL C 209 28.88 -1.40 16.74
N GLY C 210 27.73 -0.77 16.87
CA GLY C 210 27.68 0.66 17.20
C GLY C 210 27.53 1.55 15.97
N HIS C 211 27.56 0.94 14.80
CA HIS C 211 27.44 1.68 13.54
C HIS C 211 26.28 1.12 12.73
N PRO C 212 25.10 1.74 12.88
CA PRO C 212 23.82 1.18 12.46
C PRO C 212 23.44 1.46 11.01
N TYR C 213 22.51 0.65 10.51
CA TYR C 213 22.00 0.79 9.15
C TYR C 213 20.68 1.55 9.14
N ARG C 214 20.35 2.11 7.98
CA ARG C 214 19.13 2.88 7.80
C ARG C 214 17.97 2.00 7.36
N ARG C 215 18.28 0.98 6.56
N ARG C 215 18.28 1.00 6.53
CA ARG C 215 17.28 0.09 6.00
CA ARG C 215 17.27 0.09 6.01
C ARG C 215 17.78 -1.34 6.04
C ARG C 215 17.78 -1.34 6.09
N VAL C 216 16.89 -2.26 6.39
CA VAL C 216 17.21 -3.67 6.47
C VAL C 216 16.01 -4.45 5.98
N ARG C 217 16.27 -5.53 5.24
CA ARG C 217 15.24 -6.54 4.95
C ARG C 217 15.82 -7.92 5.21
N MET C 218 15.02 -8.82 5.79
CA MET C 218 15.41 -10.23 5.88
C MET C 218 14.41 -11.06 5.06
N MET C 219 14.92 -11.93 4.21
CA MET C 219 14.05 -12.55 3.23
C MET C 219 14.46 -13.98 2.89
N LEU C 220 13.47 -14.78 2.49
CA LEU C 220 13.65 -16.20 2.25
C LEU C 220 13.20 -16.62 0.86
N ARG C 221 13.94 -17.54 0.27
CA ARG C 221 13.51 -18.15 -0.99
C ARG C 221 13.93 -19.61 -1.09
#